data_8IWN
#
_entry.id   8IWN
#
_cell.length_a   1.00
_cell.length_b   1.00
_cell.length_c   1.00
_cell.angle_alpha   90.00
_cell.angle_beta   90.00
_cell.angle_gamma   90.00
#
_symmetry.space_group_name_H-M   'P 1'
#
loop_
_entity.id
_entity.type
_entity.pdbx_description
1 polymer 'ABC transporter G family member 25'
2 non-polymer "ADENOSINE-5'-TRIPHOSPHATE"
3 non-polymer 'MAGNESIUM ION'
#
_entity_poly.entity_id   1
_entity_poly.type   'polypeptide(L)'
_entity_poly.pdbx_seq_one_letter_code
;MSAFDGVENQMNGPDSSPRLSQDPREPRSLLSSSCFPITLKFVDVCYRVKIHGMSNDSCNIKKLLGLKQKPSDETRSTEE
RTILSGVTGMISPGEFMAVLGPSGSGKSTLLNAVAGRLHGSNLTGKILINDGKITKQTLKRTGFVAQDDLLYPHLTVRET
LVFVALLRLPRSLTRDVKLRAAESVISELGLTKCENTVVGNTFIRGISGGERKRVSIAHELLINPSLLVLDQPTSGLDAT
AALRLVQTLAGLAHGKGKTVVTSIHQPSSRVFQMFDTVLLLSEGKCLFVGKGRDAMAYFESVGFSPAFPMNPADFLLDLA
NGVCQTDGVTEREKPNVRQTLVTAYDTLLAPQVKTCIEVSHFPQDNARFVKTRVNGGGITTCIATWFSQLCILLHRLLKE
RRHESFDLLRIFQVVAASILCGLMWWHSDYRDVHDRLGLLFFISIFWGVLPSFNAVFTFPQERAIFTRERASGMYTLSSY
FMAHVLGSLSMELVLPASFLTFTYWMVYLRPGIVPFLLTLSVLLLYVLASQGLGLALGAAIMDAKKASTIVTVTMLAFVL
TGGYYVNKVPSGMVWMKYVSTTFYCYRLLVAIQYGSGEEILRMLGCDSKGKQGASAATSAGCRFVEEEVIGDVGMWTSVG
VLFLMFFGYRVLAYLALRRIKH
;
_entity_poly.pdbx_strand_id   A,C
#
loop_
_chem_comp.id
_chem_comp.type
_chem_comp.name
_chem_comp.formula
ATP non-polymer ADENOSINE-5'-TRIPHOSPHATE 'C10 H16 N5 O13 P3'
MG non-polymer 'MAGNESIUM ION' 'Mg 2'
#
# COMPACT_ATOMS: atom_id res chain seq x y z
N CYS A 35 -24.69 -11.13 29.86
CA CYS A 35 -25.49 -10.73 28.71
C CYS A 35 -25.76 -9.23 28.74
N PHE A 36 -25.93 -8.65 27.55
CA PHE A 36 -26.22 -7.22 27.41
C PHE A 36 -26.94 -7.05 26.09
N PRO A 37 -28.26 -7.23 26.08
CA PRO A 37 -28.99 -7.32 24.81
C PRO A 37 -29.15 -5.95 24.16
N ILE A 38 -28.83 -5.87 22.88
CA ILE A 38 -28.94 -4.64 22.11
C ILE A 38 -30.19 -4.71 21.25
N THR A 39 -31.04 -3.69 21.35
CA THR A 39 -32.12 -3.45 20.40
C THR A 39 -31.72 -2.29 19.52
N LEU A 40 -31.64 -2.52 18.22
CA LEU A 40 -31.20 -1.50 17.28
C LEU A 40 -32.41 -0.84 16.62
N LYS A 41 -32.38 0.47 16.51
CA LYS A 41 -33.37 1.23 15.79
C LYS A 41 -32.68 2.22 14.86
N PHE A 42 -33.33 2.51 13.74
CA PHE A 42 -32.92 3.57 12.84
C PHE A 42 -34.17 4.13 12.19
N VAL A 43 -34.32 5.45 12.27
CA VAL A 43 -35.53 6.14 11.84
C VAL A 43 -35.14 7.28 10.93
N ASP A 44 -35.64 7.24 9.69
CA ASP A 44 -35.50 8.32 8.69
C ASP A 44 -34.06 8.64 8.38
N VAL A 45 -33.31 7.64 7.95
CA VAL A 45 -31.90 7.80 7.65
C VAL A 45 -31.77 8.28 6.23
N CYS A 46 -31.16 9.45 6.04
CA CYS A 46 -30.83 10.00 4.73
C CYS A 46 -29.32 10.15 4.63
N TYR A 47 -28.82 10.19 3.39
CA TYR A 47 -27.38 10.36 3.19
C TYR A 47 -27.16 10.98 1.82
N ARG A 48 -26.72 12.24 1.80
CA ARG A 48 -26.38 12.93 0.57
C ARG A 48 -24.88 12.96 0.41
N VAL A 49 -24.42 13.07 -0.82
CA VAL A 49 -22.99 13.22 -1.07
C VAL A 49 -22.83 14.20 -2.22
N LYS A 50 -21.66 14.82 -2.30
CA LYS A 50 -21.37 15.86 -3.28
C LYS A 50 -20.37 15.31 -4.29
N ILE A 51 -20.79 15.24 -5.55
CA ILE A 51 -20.02 14.56 -6.57
C ILE A 51 -19.05 15.50 -7.28
N GLU A 80 -24.84 17.01 -6.10
CA GLU A 80 -25.60 16.36 -5.04
C GLU A 80 -26.27 15.10 -5.53
N ARG A 81 -25.99 14.00 -4.87
CA ARG A 81 -26.55 12.70 -5.18
C ARG A 81 -27.10 12.11 -3.89
N THR A 82 -28.34 11.64 -3.93
CA THR A 82 -28.95 11.04 -2.75
C THR A 82 -28.69 9.54 -2.75
N ILE A 83 -27.96 9.06 -1.76
CA ILE A 83 -27.63 7.65 -1.68
C ILE A 83 -28.67 6.87 -0.90
N LEU A 84 -29.07 7.38 0.26
CA LEU A 84 -30.15 6.81 1.05
C LEU A 84 -31.19 7.87 1.33
N SER A 85 -32.45 7.47 1.38
CA SER A 85 -33.50 8.45 1.65
C SER A 85 -34.68 7.74 2.32
N GLY A 86 -34.83 7.93 3.62
CA GLY A 86 -35.99 7.44 4.34
C GLY A 86 -36.02 5.95 4.56
N VAL A 87 -35.06 5.44 5.33
CA VAL A 87 -34.95 4.01 5.59
C VAL A 87 -35.22 3.79 7.07
N THR A 88 -36.36 3.20 7.38
CA THR A 88 -36.82 2.99 8.75
C THR A 88 -36.88 1.51 9.04
N GLY A 89 -36.34 1.09 10.19
CA GLY A 89 -36.37 -0.30 10.57
C GLY A 89 -36.07 -0.46 12.04
N MET A 90 -36.19 -1.69 12.52
CA MET A 90 -35.98 -2.00 13.91
C MET A 90 -35.68 -3.48 14.03
N ILE A 91 -34.57 -3.82 14.69
CA ILE A 91 -34.20 -5.22 14.88
C ILE A 91 -33.88 -5.46 16.35
N SER A 92 -34.57 -6.43 16.93
CA SER A 92 -34.64 -6.83 18.33
C SER A 92 -33.62 -7.93 18.63
N PRO A 93 -33.32 -8.21 19.90
CA PRO A 93 -32.46 -9.36 20.21
C PRO A 93 -33.18 -10.67 20.00
N GLY A 94 -32.44 -11.64 19.47
CA GLY A 94 -33.02 -12.91 19.10
C GLY A 94 -33.45 -13.01 17.66
N GLU A 95 -32.93 -12.13 16.80
CA GLU A 95 -33.47 -11.95 15.47
C GLU A 95 -32.35 -11.83 14.45
N PHE A 96 -32.53 -12.48 13.32
CA PHE A 96 -31.54 -12.58 12.26
C PHE A 96 -32.13 -11.99 10.99
N MET A 97 -31.60 -10.85 10.57
CA MET A 97 -32.16 -10.02 9.52
C MET A 97 -31.23 -9.99 8.32
N ALA A 98 -31.80 -10.03 7.13
CA ALA A 98 -31.06 -9.95 5.88
C ALA A 98 -31.38 -8.64 5.18
N VAL A 99 -30.38 -8.06 4.56
CA VAL A 99 -30.52 -6.83 3.80
C VAL A 99 -30.24 -7.16 2.35
N LEU A 100 -31.29 -7.25 1.55
CA LEU A 100 -31.19 -7.62 0.14
C LEU A 100 -31.29 -6.39 -0.73
N GLY A 101 -30.78 -6.50 -1.95
CA GLY A 101 -30.89 -5.42 -2.89
C GLY A 101 -29.92 -5.54 -4.03
N PRO A 102 -30.09 -4.71 -5.06
CA PRO A 102 -29.15 -4.71 -6.18
C PRO A 102 -27.80 -4.10 -5.86
N SER A 103 -26.96 -3.96 -6.87
CA SER A 103 -25.67 -3.32 -6.70
C SER A 103 -25.83 -1.82 -6.77
N GLY A 104 -25.27 -1.12 -5.78
CA GLY A 104 -25.40 0.30 -5.71
C GLY A 104 -26.66 0.78 -5.04
N SER A 105 -27.46 -0.11 -4.46
CA SER A 105 -28.70 0.32 -3.84
C SER A 105 -28.51 0.96 -2.49
N GLY A 106 -27.31 0.85 -1.92
CA GLY A 106 -26.96 1.57 -0.72
C GLY A 106 -26.85 0.73 0.53
N LYS A 107 -26.78 -0.57 0.42
CA LYS A 107 -26.89 -1.42 1.59
C LYS A 107 -25.57 -1.64 2.30
N SER A 108 -24.48 -1.13 1.80
CA SER A 108 -23.25 -1.06 2.59
C SER A 108 -22.99 0.31 3.14
N THR A 109 -23.76 1.30 2.74
CA THR A 109 -23.79 2.59 3.41
C THR A 109 -24.72 2.54 4.62
N LEU A 110 -25.80 1.76 4.53
CA LEU A 110 -26.71 1.62 5.66
C LEU A 110 -26.10 0.80 6.77
N LEU A 111 -25.38 -0.27 6.45
CA LEU A 111 -24.73 -1.07 7.48
C LEU A 111 -23.56 -0.37 8.09
N ASN A 112 -22.99 0.60 7.41
CA ASN A 112 -21.80 1.30 7.87
C ASN A 112 -22.17 2.51 8.71
N ALA A 113 -23.45 2.87 8.75
CA ALA A 113 -23.96 3.92 9.62
C ALA A 113 -24.56 3.39 10.90
N VAL A 114 -25.13 2.19 10.89
CA VAL A 114 -25.60 1.57 12.12
C VAL A 114 -24.49 0.88 12.88
N ALA A 115 -23.32 0.72 12.27
CA ALA A 115 -22.17 0.24 13.02
C ALA A 115 -21.49 1.37 13.77
N GLY A 116 -21.67 2.60 13.32
CA GLY A 116 -21.04 3.75 13.92
C GLY A 116 -19.79 4.22 13.23
N ARG A 117 -19.54 3.82 11.98
CA ARG A 117 -18.34 4.18 11.25
C ARG A 117 -18.61 5.19 10.16
N LEU A 118 -19.76 5.83 10.18
CA LEU A 118 -20.14 6.81 9.17
C LEU A 118 -20.97 7.86 9.86
N HIS A 119 -20.51 9.10 9.84
CA HIS A 119 -21.16 10.20 10.51
C HIS A 119 -20.79 11.49 9.81
N GLY A 120 -21.22 12.61 10.38
CA GLY A 120 -20.87 13.92 9.84
C GLY A 120 -22.10 14.75 9.54
N SER A 121 -21.97 15.63 8.56
CA SER A 121 -23.07 16.47 8.14
C SER A 121 -23.83 15.89 6.96
N ASN A 122 -23.33 14.81 6.36
CA ASN A 122 -24.06 14.13 5.30
C ASN A 122 -25.17 13.25 5.89
N LEU A 123 -24.84 12.49 6.92
CA LEU A 123 -25.82 11.58 7.51
C LEU A 123 -26.84 12.35 8.33
N THR A 124 -28.10 11.97 8.19
CA THR A 124 -29.17 12.62 8.94
C THR A 124 -30.21 11.58 9.29
N GLY A 125 -30.52 11.46 10.56
CA GLY A 125 -31.51 10.51 11.02
C GLY A 125 -31.13 9.98 12.37
N LYS A 126 -32.11 9.44 13.07
CA LYS A 126 -31.92 8.96 14.42
C LYS A 126 -31.52 7.49 14.35
N ILE A 127 -30.28 7.19 14.73
CA ILE A 127 -29.79 5.83 14.88
C ILE A 127 -29.61 5.57 16.36
N LEU A 128 -30.42 4.67 16.91
CA LEU A 128 -30.56 4.50 18.34
C LEU A 128 -30.16 3.09 18.74
N ILE A 129 -29.40 2.96 19.82
CA ILE A 129 -29.02 1.68 20.39
C ILE A 129 -29.47 1.69 21.84
N ASN A 130 -30.53 0.95 22.14
CA ASN A 130 -31.24 0.98 23.42
C ASN A 130 -31.62 2.40 23.81
N ASP A 131 -32.36 3.05 22.92
CA ASP A 131 -32.99 4.36 23.11
C ASP A 131 -31.99 5.49 23.33
N GLY A 132 -30.72 5.31 22.98
CA GLY A 132 -29.72 6.35 23.16
C GLY A 132 -28.79 6.44 21.96
N LYS A 133 -27.86 7.37 22.05
CA LYS A 133 -26.93 7.59 20.95
C LYS A 133 -25.88 6.50 20.94
N ILE A 134 -25.05 6.49 19.89
CA ILE A 134 -23.94 5.55 19.79
C ILE A 134 -22.84 6.06 20.73
N THR A 135 -22.69 5.38 21.87
CA THR A 135 -21.74 5.71 22.91
C THR A 135 -20.44 4.95 22.66
N LYS A 136 -19.37 5.36 23.36
CA LYS A 136 -18.13 4.59 23.34
C LYS A 136 -18.30 3.24 24.03
N GLN A 137 -19.27 3.12 24.93
CA GLN A 137 -19.50 1.86 25.61
C GLN A 137 -20.13 0.82 24.69
N THR A 138 -21.00 1.26 23.78
CA THR A 138 -21.67 0.32 22.89
C THR A 138 -20.80 -0.13 21.73
N LEU A 139 -19.69 0.55 21.46
CA LEU A 139 -18.81 0.08 20.41
C LEU A 139 -17.85 -0.99 20.88
N LYS A 140 -17.88 -1.34 22.16
CA LYS A 140 -17.11 -2.47 22.68
C LYS A 140 -17.87 -3.78 22.59
N ARG A 141 -19.19 -3.71 22.48
CA ARG A 141 -20.04 -4.88 22.38
C ARG A 141 -20.50 -5.14 20.95
N THR A 142 -20.05 -4.33 20.00
CA THR A 142 -20.44 -4.41 18.61
C THR A 142 -19.31 -5.02 17.80
N GLY A 143 -19.64 -5.98 16.93
CA GLY A 143 -18.69 -6.55 16.00
C GLY A 143 -19.10 -6.24 14.57
N PHE A 144 -18.16 -5.73 13.80
CA PHE A 144 -18.41 -5.30 12.42
C PHE A 144 -17.40 -5.98 11.50
N VAL A 145 -17.87 -6.89 10.66
CA VAL A 145 -17.04 -7.56 9.68
C VAL A 145 -17.22 -6.81 8.37
N ALA A 146 -16.19 -6.12 7.91
CA ALA A 146 -16.29 -5.29 6.71
C ALA A 146 -16.16 -6.17 5.48
N GLN A 147 -16.21 -5.56 4.31
CA GLN A 147 -16.23 -6.31 3.07
C GLN A 147 -14.84 -6.60 2.51
N ASP A 148 -13.87 -5.72 2.71
CA ASP A 148 -12.48 -5.97 2.35
C ASP A 148 -11.70 -6.40 3.58
N ASP A 149 -10.74 -7.30 3.37
CA ASP A 149 -10.06 -7.98 4.46
C ASP A 149 -8.68 -7.39 4.68
N LEU A 150 -8.41 -6.90 5.90
CA LEU A 150 -7.13 -6.28 6.24
C LEU A 150 -6.47 -7.09 7.35
N LEU A 151 -5.47 -7.88 6.99
CA LEU A 151 -4.78 -8.76 7.92
C LEU A 151 -3.28 -8.53 7.81
N TYR A 152 -2.52 -9.10 8.73
CA TYR A 152 -1.06 -9.03 8.67
C TYR A 152 -0.49 -10.08 7.73
N PRO A 153 0.44 -9.72 6.86
CA PRO A 153 0.89 -10.67 5.85
C PRO A 153 1.94 -11.65 6.33
N HIS A 154 2.25 -11.70 7.62
CA HIS A 154 3.35 -12.56 8.04
C HIS A 154 3.00 -13.50 9.14
N LEU A 155 1.84 -13.39 9.75
CA LEU A 155 1.41 -14.35 10.73
C LEU A 155 0.75 -15.51 10.02
N THR A 156 0.80 -16.69 10.63
CA THR A 156 0.07 -17.80 10.07
C THR A 156 -1.38 -17.69 10.51
N VAL A 157 -2.22 -18.61 10.03
CA VAL A 157 -3.64 -18.51 10.35
C VAL A 157 -3.89 -18.82 11.81
N ARG A 158 -3.11 -19.72 12.39
CA ARG A 158 -3.25 -20.04 13.80
C ARG A 158 -2.69 -18.93 14.68
N GLU A 159 -1.58 -18.31 14.28
CA GLU A 159 -0.98 -17.24 15.07
C GLU A 159 -1.83 -15.97 15.04
N THR A 160 -2.60 -15.77 13.97
CA THR A 160 -3.51 -14.63 13.89
C THR A 160 -4.64 -14.76 14.89
N LEU A 161 -5.18 -15.95 15.05
CA LEU A 161 -6.35 -16.18 15.87
C LEU A 161 -6.02 -16.50 17.32
N VAL A 162 -4.74 -16.64 17.67
CA VAL A 162 -4.35 -16.75 19.07
C VAL A 162 -4.10 -15.37 19.69
N PHE A 163 -3.54 -14.44 18.91
CA PHE A 163 -3.38 -13.08 19.39
C PHE A 163 -4.71 -12.39 19.66
N VAL A 164 -5.74 -12.71 18.88
CA VAL A 164 -7.06 -12.14 19.10
C VAL A 164 -7.70 -12.76 20.34
N ALA A 165 -7.46 -14.04 20.58
CA ALA A 165 -8.07 -14.69 21.73
C ALA A 165 -7.45 -14.24 23.04
N LEU A 166 -6.16 -13.95 23.04
CA LEU A 166 -5.51 -13.51 24.27
C LEU A 166 -5.84 -12.08 24.61
N LEU A 167 -5.97 -11.20 23.61
CA LEU A 167 -6.31 -9.81 23.87
C LEU A 167 -7.76 -9.62 24.26
N ARG A 168 -8.68 -10.31 23.61
CA ARG A 168 -10.07 -9.92 23.67
C ARG A 168 -10.96 -10.77 24.56
N LEU A 169 -10.56 -11.98 24.94
CA LEU A 169 -11.41 -12.80 25.78
C LEU A 169 -11.37 -12.28 27.21
N PRO A 170 -12.33 -12.67 28.06
CA PRO A 170 -12.29 -12.24 29.47
C PRO A 170 -11.03 -12.70 30.18
N ARG A 171 -10.39 -11.76 30.86
CA ARG A 171 -9.05 -11.99 31.35
C ARG A 171 -9.04 -12.89 32.58
N SER A 172 -10.12 -12.88 33.36
CA SER A 172 -10.26 -13.80 34.49
C SER A 172 -10.69 -15.17 33.97
N LEU A 173 -9.75 -15.82 33.27
CA LEU A 173 -9.94 -17.08 32.58
C LEU A 173 -8.57 -17.60 32.19
N THR A 174 -8.28 -18.86 32.49
CA THR A 174 -6.92 -19.35 32.39
C THR A 174 -6.49 -19.54 30.94
N ARG A 175 -5.22 -19.25 30.69
CA ARG A 175 -4.60 -19.64 29.44
C ARG A 175 -4.52 -21.17 29.41
N ASP A 176 -4.70 -21.73 28.21
CA ASP A 176 -5.00 -23.09 27.73
C ASP A 176 -6.50 -23.34 27.78
N VAL A 177 -7.30 -22.39 28.23
CA VAL A 177 -8.70 -22.32 27.88
C VAL A 177 -8.94 -21.26 26.82
N LYS A 178 -8.19 -20.16 26.83
CA LYS A 178 -8.20 -19.21 25.72
C LYS A 178 -7.62 -19.80 24.45
N LEU A 179 -6.78 -20.82 24.55
CA LEU A 179 -6.24 -21.49 23.38
C LEU A 179 -7.13 -22.61 22.88
N ARG A 180 -7.99 -23.15 23.74
CA ARG A 180 -9.01 -24.09 23.28
C ARG A 180 -10.29 -23.38 22.90
N ALA A 181 -10.32 -22.06 22.94
CA ALA A 181 -11.36 -21.28 22.29
C ALA A 181 -10.96 -20.83 20.90
N ALA A 182 -9.67 -20.64 20.67
CA ALA A 182 -9.20 -20.21 19.37
C ALA A 182 -9.17 -21.34 18.36
N GLU A 183 -9.09 -22.59 18.83
CA GLU A 183 -9.01 -23.71 17.90
C GLU A 183 -10.27 -24.56 17.89
N SER A 184 -11.32 -24.12 18.58
CA SER A 184 -12.65 -24.63 18.34
C SER A 184 -13.44 -23.74 17.40
N VAL A 185 -12.90 -22.57 17.08
CA VAL A 185 -13.44 -21.72 16.03
C VAL A 185 -12.86 -22.11 14.67
N ILE A 186 -11.60 -22.53 14.65
CA ILE A 186 -10.96 -23.08 13.45
C ILE A 186 -11.70 -24.33 12.99
N SER A 187 -12.14 -25.18 13.91
CA SER A 187 -12.87 -26.36 13.50
C SER A 187 -14.34 -26.10 13.19
N GLU A 188 -14.89 -24.94 13.57
CA GLU A 188 -16.24 -24.60 13.15
C GLU A 188 -16.30 -23.94 11.79
N LEU A 189 -15.24 -23.29 11.36
CA LEU A 189 -15.23 -22.66 10.05
C LEU A 189 -14.49 -23.47 9.02
N GLY A 190 -13.99 -24.64 9.38
CA GLY A 190 -13.30 -25.50 8.43
C GLY A 190 -11.94 -25.02 8.03
N LEU A 191 -11.22 -24.37 8.93
CA LEU A 191 -9.91 -23.82 8.61
C LEU A 191 -8.78 -24.73 9.04
N THR A 192 -9.06 -26.01 9.27
CA THR A 192 -8.04 -26.92 9.79
C THR A 192 -7.27 -27.64 8.71
N LYS A 193 -6.89 -26.92 7.66
CA LYS A 193 -5.95 -27.39 6.66
C LYS A 193 -4.92 -26.35 6.34
N CYS A 194 -5.23 -25.09 6.58
CA CYS A 194 -4.38 -23.96 6.25
C CYS A 194 -3.97 -23.21 7.48
N GLU A 195 -4.06 -23.82 8.66
CA GLU A 195 -3.77 -23.11 9.89
C GLU A 195 -2.29 -22.84 10.07
N ASN A 196 -1.42 -23.62 9.45
CA ASN A 196 0.01 -23.42 9.51
C ASN A 196 0.53 -22.69 8.29
N THR A 197 -0.37 -22.23 7.44
CA THR A 197 -0.04 -21.49 6.23
C THR A 197 -0.10 -20.01 6.53
N VAL A 198 0.86 -19.26 6.00
CA VAL A 198 0.92 -17.83 6.28
C VAL A 198 -0.20 -17.11 5.53
N VAL A 199 -0.85 -16.18 6.20
CA VAL A 199 -1.72 -15.22 5.53
C VAL A 199 -0.83 -14.36 4.64
N GLY A 200 -1.24 -14.13 3.40
CA GLY A 200 -0.42 -13.43 2.45
C GLY A 200 -0.85 -12.00 2.23
N ASN A 201 -0.42 -11.46 1.09
CA ASN A 201 -0.96 -10.23 0.52
C ASN A 201 -0.85 -10.35 -1.00
N THR A 202 -0.83 -9.22 -1.69
CA THR A 202 -0.74 -9.25 -3.15
C THR A 202 0.64 -9.68 -3.63
N PHE A 203 1.68 -9.48 -2.81
CA PHE A 203 3.03 -9.82 -3.22
C PHE A 203 3.52 -11.11 -2.58
N ILE A 204 2.95 -11.52 -1.46
CA ILE A 204 3.28 -12.78 -0.80
C ILE A 204 2.10 -13.71 -1.05
N ARG A 205 2.33 -14.83 -1.72
CA ARG A 205 1.23 -15.74 -1.98
C ARG A 205 1.01 -16.63 -0.76
N GLY A 206 -0.22 -16.62 -0.25
CA GLY A 206 -0.59 -17.35 0.95
C GLY A 206 -1.89 -18.10 0.79
N ILE A 207 -2.84 -17.86 1.69
CA ILE A 207 -4.12 -18.58 1.71
C ILE A 207 -5.05 -18.06 0.62
N SER A 208 -6.16 -18.77 0.40
CA SER A 208 -7.13 -18.47 -0.64
C SER A 208 -7.92 -17.22 -0.31
N GLY A 209 -8.83 -16.88 -1.20
CA GLY A 209 -9.72 -15.77 -0.97
C GLY A 209 -10.93 -16.15 -0.16
N GLY A 210 -11.34 -17.41 -0.27
CA GLY A 210 -12.42 -17.91 0.55
C GLY A 210 -11.98 -18.39 1.91
N GLU A 211 -10.68 -18.63 2.09
CA GLU A 211 -10.13 -18.88 3.41
C GLU A 211 -9.80 -17.59 4.13
N ARG A 212 -9.44 -16.55 3.39
CA ARG A 212 -9.22 -15.22 3.96
C ARG A 212 -10.51 -14.61 4.47
N LYS A 213 -11.64 -14.91 3.83
CA LYS A 213 -12.94 -14.41 4.27
C LYS A 213 -13.34 -15.02 5.61
N ARG A 214 -13.05 -16.30 5.81
CA ARG A 214 -13.43 -16.97 7.04
C ARG A 214 -12.49 -16.70 8.20
N VAL A 215 -11.27 -16.25 7.93
CA VAL A 215 -10.39 -15.79 9.01
C VAL A 215 -10.92 -14.49 9.60
N SER A 216 -11.49 -13.63 8.74
CA SER A 216 -12.04 -12.37 9.21
C SER A 216 -13.34 -12.53 9.99
N ILE A 217 -14.11 -13.58 9.71
CA ILE A 217 -15.31 -13.84 10.47
C ILE A 217 -14.96 -14.46 11.83
N ALA A 218 -13.95 -15.33 11.85
CA ALA A 218 -13.41 -15.86 13.10
C ALA A 218 -12.78 -14.78 13.96
N HIS A 219 -12.27 -13.73 13.34
CA HIS A 219 -11.66 -12.62 14.03
C HIS A 219 -12.65 -11.84 14.85
N GLU A 220 -13.93 -11.94 14.54
CA GLU A 220 -14.97 -11.24 15.24
C GLU A 220 -15.85 -12.18 16.03
N LEU A 221 -15.72 -13.47 15.79
CA LEU A 221 -16.47 -14.47 16.51
C LEU A 221 -15.77 -14.89 17.78
N LEU A 222 -14.55 -14.39 18.01
CA LEU A 222 -13.77 -14.58 19.22
C LEU A 222 -13.84 -13.38 20.16
N ILE A 223 -14.61 -12.37 19.84
CA ILE A 223 -14.84 -11.24 20.72
C ILE A 223 -16.12 -11.44 21.52
N ASN A 224 -16.99 -12.35 21.09
CA ASN A 224 -18.34 -12.63 21.58
C ASN A 224 -19.16 -11.36 21.61
N PRO A 225 -19.59 -10.83 20.46
CA PRO A 225 -20.27 -9.53 20.45
C PRO A 225 -21.69 -9.68 20.95
N SER A 226 -22.37 -8.55 21.07
CA SER A 226 -23.80 -8.53 21.32
C SER A 226 -24.59 -8.09 20.11
N LEU A 227 -23.99 -7.30 19.23
CA LEU A 227 -24.54 -6.94 17.94
C LEU A 227 -23.50 -7.30 16.90
N LEU A 228 -23.87 -8.15 15.95
CA LEU A 228 -22.94 -8.61 14.92
C LEU A 228 -23.43 -8.10 13.58
N VAL A 229 -22.66 -7.21 12.96
CA VAL A 229 -22.99 -6.59 11.68
C VAL A 229 -22.00 -7.10 10.64
N LEU A 230 -22.50 -7.78 9.62
CA LEU A 230 -21.63 -8.37 8.60
C LEU A 230 -21.99 -7.82 7.24
N ASP A 231 -21.00 -7.64 6.39
CA ASP A 231 -21.18 -7.04 5.08
C ASP A 231 -20.73 -8.07 4.03
N GLN A 232 -21.70 -8.78 3.47
CA GLN A 232 -21.57 -9.87 2.51
C GLN A 232 -20.61 -10.95 2.97
N PRO A 233 -20.99 -11.79 3.95
CA PRO A 233 -20.04 -12.77 4.46
C PRO A 233 -19.90 -14.03 3.63
N THR A 234 -20.74 -14.26 2.63
CA THR A 234 -20.73 -15.50 1.87
C THR A 234 -20.26 -15.32 0.44
N SER A 235 -19.55 -14.23 0.13
CA SER A 235 -19.05 -14.00 -1.21
C SER A 235 -17.64 -14.53 -1.33
N GLY A 236 -17.44 -15.47 -2.24
CA GLY A 236 -16.20 -16.21 -2.30
C GLY A 236 -16.26 -17.56 -1.65
N LEU A 237 -17.43 -18.00 -1.22
CA LEU A 237 -17.62 -19.31 -0.62
C LEU A 237 -18.51 -20.13 -1.52
N ASP A 238 -18.29 -21.43 -1.54
CA ASP A 238 -19.07 -22.31 -2.40
C ASP A 238 -20.44 -22.57 -1.81
N ALA A 239 -21.20 -23.45 -2.43
CA ALA A 239 -22.58 -23.63 -2.05
C ALA A 239 -22.75 -24.38 -0.74
N THR A 240 -21.75 -25.15 -0.32
CA THR A 240 -21.85 -25.91 0.92
C THR A 240 -21.27 -25.15 2.10
N ALA A 241 -20.20 -24.39 1.90
CA ALA A 241 -19.68 -23.55 2.97
C ALA A 241 -20.57 -22.36 3.25
N ALA A 242 -21.36 -21.91 2.28
CA ALA A 242 -22.26 -20.80 2.54
C ALA A 242 -23.50 -21.23 3.30
N LEU A 243 -23.90 -22.50 3.19
CA LEU A 243 -25.03 -22.97 3.98
C LEU A 243 -24.63 -23.16 5.44
N ARG A 244 -23.42 -23.66 5.68
CA ARG A 244 -22.97 -23.90 7.04
C ARG A 244 -22.68 -22.61 7.78
N LEU A 245 -22.27 -21.56 7.08
CA LEU A 245 -21.99 -20.30 7.76
C LEU A 245 -23.28 -19.61 8.17
N VAL A 246 -24.31 -19.67 7.33
CA VAL A 246 -25.62 -19.15 7.68
C VAL A 246 -26.26 -19.98 8.79
N GLN A 247 -26.00 -21.28 8.83
CA GLN A 247 -26.47 -22.10 9.94
C GLN A 247 -25.71 -21.84 11.22
N THR A 248 -24.48 -21.30 11.14
CA THR A 248 -23.78 -20.88 12.35
C THR A 248 -24.35 -19.58 12.89
N LEU A 249 -24.56 -18.59 12.02
CA LEU A 249 -25.08 -17.30 12.42
C LEU A 249 -26.54 -17.38 12.87
N ALA A 250 -27.29 -18.37 12.42
CA ALA A 250 -28.64 -18.57 12.92
C ALA A 250 -28.65 -19.25 14.27
N GLY A 251 -27.58 -19.94 14.65
CA GLY A 251 -27.49 -20.48 15.99
C GLY A 251 -27.04 -19.47 17.02
N LEU A 252 -26.39 -18.40 16.60
CA LEU A 252 -26.05 -17.33 17.52
C LEU A 252 -27.28 -16.51 17.87
N ALA A 253 -28.15 -16.29 16.90
CA ALA A 253 -29.32 -15.46 17.10
C ALA A 253 -30.43 -16.23 17.82
N HIS A 254 -30.58 -17.50 17.51
CA HIS A 254 -31.68 -18.28 18.07
C HIS A 254 -31.27 -19.10 19.28
N GLY A 255 -29.99 -19.32 19.50
CA GLY A 255 -29.53 -20.15 20.58
C GLY A 255 -28.82 -19.39 21.68
N LYS A 256 -28.43 -18.15 21.39
CA LYS A 256 -27.79 -17.32 22.39
C LYS A 256 -28.44 -15.96 22.58
N GLY A 257 -29.40 -15.59 21.76
CA GLY A 257 -30.09 -14.34 21.92
C GLY A 257 -29.29 -13.12 21.51
N LYS A 258 -28.66 -13.16 20.35
CA LYS A 258 -27.93 -12.02 19.85
C LYS A 258 -28.72 -11.34 18.74
N THR A 259 -28.14 -10.27 18.21
CA THR A 259 -28.75 -9.44 17.18
C THR A 259 -27.79 -9.45 16.00
N VAL A 260 -28.17 -10.13 14.91
CA VAL A 260 -27.30 -10.29 13.76
C VAL A 260 -27.93 -9.56 12.59
N VAL A 261 -27.17 -8.67 11.94
CA VAL A 261 -27.60 -7.97 10.73
C VAL A 261 -26.60 -8.28 9.64
N THR A 262 -27.08 -8.73 8.50
CA THR A 262 -26.17 -9.10 7.42
C THR A 262 -26.77 -8.70 6.09
N SER A 263 -25.91 -8.40 5.12
CA SER A 263 -26.31 -8.22 3.74
C SER A 263 -25.78 -9.38 2.94
N ILE A 264 -26.50 -9.77 1.89
CA ILE A 264 -26.25 -11.04 1.22
C ILE A 264 -26.71 -10.92 -0.23
N HIS A 265 -25.98 -11.57 -1.15
CA HIS A 265 -26.30 -11.37 -2.56
C HIS A 265 -27.07 -12.51 -3.23
N GLN A 266 -26.55 -13.74 -3.28
CA GLN A 266 -27.22 -14.77 -4.06
C GLN A 266 -27.58 -15.97 -3.20
N PRO A 267 -28.53 -15.85 -2.28
CA PRO A 267 -28.87 -17.00 -1.44
C PRO A 267 -29.70 -18.00 -2.20
N SER A 268 -29.61 -19.25 -1.80
CA SER A 268 -30.43 -20.28 -2.40
C SER A 268 -31.78 -20.31 -1.71
N SER A 269 -32.62 -21.27 -2.05
CA SER A 269 -33.94 -21.34 -1.46
C SER A 269 -33.88 -21.86 -0.03
N ARG A 270 -32.79 -22.51 0.35
CA ARG A 270 -32.60 -23.03 1.69
C ARG A 270 -31.92 -22.02 2.60
N VAL A 271 -31.08 -21.16 2.04
CA VAL A 271 -30.47 -20.10 2.83
C VAL A 271 -31.49 -19.00 3.12
N PHE A 272 -32.40 -18.74 2.17
CA PHE A 272 -33.41 -17.71 2.35
C PHE A 272 -34.45 -18.08 3.40
N GLN A 273 -34.63 -19.37 3.69
CA GLN A 273 -35.61 -19.77 4.70
C GLN A 273 -35.08 -19.70 6.12
N MET A 274 -33.88 -19.19 6.34
CA MET A 274 -33.32 -19.09 7.68
C MET A 274 -33.34 -17.68 8.23
N PHE A 275 -33.84 -16.70 7.47
CA PHE A 275 -33.88 -15.32 7.92
C PHE A 275 -35.24 -15.05 8.55
N ASP A 276 -35.23 -14.30 9.64
CA ASP A 276 -36.48 -13.93 10.30
C ASP A 276 -37.08 -12.66 9.73
N THR A 277 -36.28 -11.81 9.10
CA THR A 277 -36.69 -10.47 8.71
C THR A 277 -35.90 -10.12 7.46
N VAL A 278 -36.56 -9.51 6.50
CA VAL A 278 -35.93 -9.11 5.24
C VAL A 278 -36.08 -7.61 5.09
N LEU A 279 -35.00 -6.94 4.70
CA LEU A 279 -35.03 -5.57 4.22
C LEU A 279 -34.66 -5.58 2.75
N LEU A 280 -35.47 -4.94 1.91
CA LEU A 280 -35.26 -4.92 0.47
C LEU A 280 -35.10 -3.49 0.01
N LEU A 281 -33.88 -3.11 -0.37
CA LEU A 281 -33.60 -1.78 -0.89
C LEU A 281 -33.70 -1.77 -2.41
N SER A 282 -33.90 -0.57 -2.95
CA SER A 282 -33.88 -0.36 -4.40
C SER A 282 -33.54 1.10 -4.65
N GLU A 283 -32.27 1.37 -4.94
CA GLU A 283 -31.72 2.71 -5.13
C GLU A 283 -32.02 3.62 -3.95
N GLY A 284 -31.70 3.14 -2.76
CA GLY A 284 -31.79 3.96 -1.57
C GLY A 284 -33.15 4.06 -0.93
N LYS A 285 -34.17 3.40 -1.45
CA LYS A 285 -35.49 3.43 -0.82
C LYS A 285 -35.99 2.01 -0.63
N CYS A 286 -36.45 1.71 0.57
CA CYS A 286 -36.87 0.36 0.91
C CYS A 286 -38.24 0.04 0.31
N LEU A 287 -38.39 -1.18 -0.17
CA LEU A 287 -39.62 -1.69 -0.76
C LEU A 287 -40.38 -2.67 0.10
N PHE A 288 -39.73 -3.27 1.11
CA PHE A 288 -40.38 -4.23 1.98
C PHE A 288 -39.58 -4.33 3.25
N VAL A 289 -40.26 -4.24 4.40
CA VAL A 289 -39.69 -4.54 5.70
C VAL A 289 -40.67 -5.46 6.42
N GLY A 290 -40.19 -6.63 6.83
CA GLY A 290 -41.06 -7.57 7.49
C GLY A 290 -40.49 -8.96 7.43
N LYS A 291 -41.31 -9.93 7.81
CA LYS A 291 -40.87 -11.31 7.88
C LYS A 291 -40.69 -11.91 6.49
N GLY A 292 -39.71 -12.80 6.37
CA GLY A 292 -39.35 -13.36 5.07
C GLY A 292 -40.38 -14.32 4.52
N ARG A 293 -41.21 -14.91 5.36
CA ARG A 293 -42.27 -15.78 4.91
C ARG A 293 -43.58 -15.02 4.63
N ASP A 294 -43.52 -13.69 4.58
CA ASP A 294 -44.65 -12.88 4.14
C ASP A 294 -44.34 -12.11 2.87
N ALA A 295 -43.14 -12.26 2.30
CA ALA A 295 -42.72 -11.41 1.21
C ALA A 295 -43.42 -11.76 -0.10
N MET A 296 -43.56 -13.04 -0.40
CA MET A 296 -44.18 -13.44 -1.65
C MET A 296 -45.69 -13.22 -1.62
N ALA A 297 -46.30 -13.32 -0.45
CA ALA A 297 -47.73 -13.09 -0.30
C ALA A 297 -48.07 -11.62 -0.20
N TYR A 298 -47.09 -10.75 0.01
CA TYR A 298 -47.34 -9.32 -0.01
C TYR A 298 -47.41 -8.80 -1.44
N PHE A 299 -46.45 -9.18 -2.28
CA PHE A 299 -46.41 -8.63 -3.63
C PHE A 299 -47.48 -9.22 -4.52
N GLU A 300 -48.07 -10.35 -4.14
CA GLU A 300 -49.23 -10.86 -4.87
C GLU A 300 -50.42 -9.94 -4.72
N SER A 301 -50.61 -9.40 -3.51
CA SER A 301 -51.74 -8.52 -3.22
C SER A 301 -51.55 -7.11 -3.76
N VAL A 302 -50.45 -6.85 -4.46
CA VAL A 302 -50.22 -5.57 -5.12
C VAL A 302 -50.31 -5.81 -6.63
N GLY A 303 -49.97 -7.03 -7.06
CA GLY A 303 -50.18 -7.37 -8.46
C GLY A 303 -49.07 -8.13 -9.15
N PHE A 304 -48.05 -8.55 -8.40
CA PHE A 304 -46.87 -9.18 -8.96
C PHE A 304 -46.76 -10.61 -8.42
N SER A 305 -46.55 -11.56 -9.32
CA SER A 305 -46.43 -12.96 -8.94
C SER A 305 -45.61 -13.67 -10.00
N PRO A 306 -44.80 -14.67 -9.63
CA PRO A 306 -43.95 -15.34 -10.61
C PRO A 306 -44.75 -16.22 -11.56
N ALA A 307 -44.32 -16.25 -12.82
CA ALA A 307 -45.01 -17.05 -13.82
C ALA A 307 -44.74 -18.53 -13.62
N PHE A 308 -43.49 -18.93 -13.64
CA PHE A 308 -43.03 -20.25 -13.32
C PHE A 308 -42.48 -20.28 -11.91
N PRO A 309 -42.64 -21.38 -11.16
CA PRO A 309 -42.16 -21.41 -9.77
C PRO A 309 -40.65 -21.39 -9.69
N MET A 310 -40.13 -20.62 -8.75
CA MET A 310 -38.71 -20.28 -8.77
C MET A 310 -38.26 -19.94 -7.35
N ASN A 311 -37.02 -19.50 -7.25
CA ASN A 311 -36.44 -19.07 -5.98
C ASN A 311 -37.09 -17.76 -5.54
N PRO A 312 -37.58 -17.66 -4.31
CA PRO A 312 -38.16 -16.38 -3.86
C PRO A 312 -37.17 -15.24 -3.76
N ALA A 313 -35.88 -15.53 -3.57
CA ALA A 313 -34.88 -14.47 -3.57
C ALA A 313 -34.48 -14.05 -4.97
N ASP A 314 -34.78 -14.85 -5.99
CA ASP A 314 -34.61 -14.42 -7.36
C ASP A 314 -35.76 -13.55 -7.83
N PHE A 315 -36.96 -13.80 -7.31
CA PHE A 315 -38.12 -13.01 -7.70
C PHE A 315 -38.09 -11.63 -7.09
N LEU A 316 -37.59 -11.51 -5.86
CA LEU A 316 -37.54 -10.21 -5.21
C LEU A 316 -36.46 -9.31 -5.78
N LEU A 317 -35.43 -9.87 -6.42
CA LEU A 317 -34.43 -9.03 -7.04
C LEU A 317 -34.82 -8.61 -8.45
N ASP A 318 -35.75 -9.30 -9.09
CA ASP A 318 -36.33 -8.76 -10.32
C ASP A 318 -37.22 -7.56 -10.05
N LEU A 319 -37.95 -7.57 -8.93
CA LEU A 319 -38.79 -6.43 -8.59
C LEU A 319 -37.96 -5.21 -8.23
N ALA A 320 -36.79 -5.41 -7.61
CA ALA A 320 -35.95 -4.29 -7.25
C ALA A 320 -35.21 -3.71 -8.44
N ASN A 321 -34.90 -4.53 -9.44
CA ASN A 321 -34.35 -4.02 -10.69
C ASN A 321 -35.42 -3.50 -11.63
N GLY A 322 -36.69 -3.78 -11.36
CA GLY A 322 -37.75 -3.33 -12.24
C GLY A 322 -37.90 -4.11 -13.51
N VAL A 323 -37.50 -5.38 -13.52
CA VAL A 323 -37.50 -6.20 -14.73
C VAL A 323 -38.39 -7.41 -14.53
N CYS A 324 -39.36 -7.28 -13.65
CA CYS A 324 -40.24 -8.37 -13.29
C CYS A 324 -41.48 -8.45 -14.17
N GLN A 325 -41.67 -7.46 -15.06
CA GLN A 325 -42.81 -7.31 -16.00
C GLN A 325 -44.20 -7.67 -15.46
N ASN A 336 -43.81 1.22 -15.27
CA ASN A 336 -43.18 1.60 -14.01
C ASN A 336 -43.39 0.53 -12.95
N VAL A 337 -42.46 -0.42 -12.88
CA VAL A 337 -42.56 -1.46 -11.87
C VAL A 337 -41.99 -0.96 -10.54
N ARG A 338 -40.88 -0.22 -10.59
CA ARG A 338 -40.25 0.24 -9.36
C ARG A 338 -41.07 1.32 -8.66
N GLN A 339 -41.52 2.32 -9.41
CA GLN A 339 -42.24 3.42 -8.80
C GLN A 339 -43.65 3.03 -8.38
N THR A 340 -44.20 1.96 -8.93
CA THR A 340 -45.43 1.38 -8.40
C THR A 340 -45.20 0.82 -7.00
N LEU A 341 -44.08 0.13 -6.80
CA LEU A 341 -43.79 -0.55 -5.55
C LEU A 341 -43.30 0.39 -4.47
N VAL A 342 -42.85 1.59 -4.82
CA VAL A 342 -42.42 2.56 -3.82
C VAL A 342 -43.63 3.23 -3.18
N THR A 343 -44.57 3.71 -4.00
CA THR A 343 -45.76 4.33 -3.46
C THR A 343 -46.76 3.32 -2.89
N ALA A 344 -46.63 2.05 -3.26
CA ALA A 344 -47.45 1.02 -2.62
C ALA A 344 -46.89 0.61 -1.28
N TYR A 345 -45.62 0.91 -1.02
CA TYR A 345 -45.05 0.66 0.30
C TYR A 345 -45.38 1.77 1.27
N ASP A 346 -45.44 3.00 0.80
CA ASP A 346 -45.65 4.16 1.66
C ASP A 346 -47.10 4.37 2.06
N THR A 347 -48.02 3.53 1.59
CA THR A 347 -49.41 3.61 2.01
C THR A 347 -49.90 2.36 2.70
N LEU A 348 -49.21 1.23 2.55
CA LEU A 348 -49.68 -0.04 3.07
C LEU A 348 -48.86 -0.53 4.26
N LEU A 349 -47.53 -0.47 4.18
CA LEU A 349 -46.70 -1.00 5.23
C LEU A 349 -45.90 0.05 5.99
N ALA A 350 -45.50 1.13 5.34
CA ALA A 350 -44.68 2.15 5.98
C ALA A 350 -45.31 2.89 7.17
N PRO A 351 -46.63 3.15 7.24
CA PRO A 351 -47.15 3.73 8.49
C PRO A 351 -47.14 2.78 9.67
N GLN A 352 -47.32 1.49 9.44
CA GLN A 352 -47.41 0.54 10.55
C GLN A 352 -46.05 0.15 11.11
N VAL A 353 -44.95 0.61 10.49
CA VAL A 353 -43.64 0.39 11.07
C VAL A 353 -43.33 1.47 12.11
N LYS A 354 -43.63 2.73 11.81
CA LYS A 354 -43.36 3.79 12.77
C LYS A 354 -44.33 3.79 13.95
N THR A 355 -45.47 3.11 13.84
CA THR A 355 -46.28 2.90 15.03
C THR A 355 -45.62 1.87 15.94
N CYS A 356 -44.95 0.88 15.36
CA CYS A 356 -44.23 -0.10 16.15
C CYS A 356 -42.96 0.48 16.78
N ILE A 357 -42.42 1.55 16.22
CA ILE A 357 -41.29 2.25 16.86
C ILE A 357 -41.93 3.32 17.76
N GLU A 358 -42.42 2.87 18.90
CA GLU A 358 -42.70 3.74 20.04
C GLU A 358 -42.25 3.18 21.39
N VAL A 359 -42.24 1.85 21.58
CA VAL A 359 -41.94 1.23 22.86
C VAL A 359 -40.80 0.24 22.74
N SER A 360 -40.86 -0.64 21.74
CA SER A 360 -39.92 -1.74 21.57
C SER A 360 -38.50 -1.29 21.29
N ILE A 379 -5.94 -0.93 40.84
CA ILE A 379 -5.04 -1.70 41.68
C ILE A 379 -4.05 -2.49 40.85
N THR A 380 -3.46 -3.50 41.45
CA THR A 380 -2.38 -4.25 40.81
C THR A 380 -2.88 -5.19 39.72
N THR A 381 -4.19 -5.43 39.64
CA THR A 381 -4.76 -6.18 38.53
C THR A 381 -5.10 -5.30 37.35
N CYS A 382 -4.98 -3.98 37.52
CA CYS A 382 -5.09 -3.07 36.40
C CYS A 382 -3.75 -2.75 35.78
N ILE A 383 -2.66 -2.77 36.56
CA ILE A 383 -1.34 -2.81 35.95
C ILE A 383 -0.92 -4.27 35.88
N ALA A 384 -1.62 -5.07 35.09
CA ALA A 384 -1.11 -6.33 34.58
C ALA A 384 -1.72 -6.51 33.21
N THR A 385 -2.86 -5.86 33.03
CA THR A 385 -3.53 -5.81 31.75
C THR A 385 -2.84 -4.83 30.83
N TRP A 386 -2.18 -3.81 31.37
CA TRP A 386 -1.37 -2.97 30.52
C TRP A 386 -0.14 -3.70 30.03
N PHE A 387 0.50 -4.49 30.91
CA PHE A 387 1.75 -5.15 30.56
C PHE A 387 1.55 -6.38 29.71
N SER A 388 0.47 -7.12 29.89
CA SER A 388 0.27 -8.29 29.04
C SER A 388 -0.14 -7.90 27.64
N GLN A 389 -0.81 -6.76 27.48
CA GLN A 389 -1.05 -6.23 26.14
C GLN A 389 0.24 -5.75 25.49
N LEU A 390 1.21 -5.29 26.28
CA LEU A 390 2.49 -4.87 25.74
C LEU A 390 3.31 -6.05 25.25
N CYS A 391 3.26 -7.17 25.98
CA CYS A 391 4.04 -8.34 25.60
C CYS A 391 3.49 -9.03 24.35
N ILE A 392 2.16 -9.03 24.17
CA ILE A 392 1.57 -9.61 22.98
C ILE A 392 1.85 -8.74 21.77
N LEU A 393 1.82 -7.44 21.94
CA LEU A 393 2.08 -6.53 20.83
C LEU A 393 3.56 -6.44 20.47
N LEU A 394 4.48 -6.77 21.38
CA LEU A 394 5.88 -6.88 21.00
C LEU A 394 6.14 -8.08 20.13
N HIS A 395 5.72 -9.27 20.57
CA HIS A 395 6.04 -10.50 19.86
C HIS A 395 5.31 -10.60 18.54
N ARG A 396 4.19 -9.91 18.41
CA ARG A 396 3.50 -9.82 17.14
C ARG A 396 4.26 -8.96 16.14
N LEU A 397 4.98 -7.94 16.61
CA LEU A 397 5.74 -7.14 15.68
C LEU A 397 7.19 -7.57 15.55
N LEU A 398 7.68 -8.44 16.42
CA LEU A 398 9.01 -8.99 16.21
C LEU A 398 9.01 -10.08 15.16
N LYS A 399 7.90 -10.77 14.95
CA LYS A 399 7.85 -11.79 13.92
C LYS A 399 7.17 -11.31 12.66
N GLU A 400 6.85 -10.02 12.58
CA GLU A 400 6.64 -9.39 11.28
C GLU A 400 7.96 -9.03 10.61
N ARG A 401 8.96 -8.64 11.40
CA ARG A 401 10.25 -8.27 10.88
C ARG A 401 11.25 -9.42 10.93
N ARG A 402 10.77 -10.65 11.12
CA ARG A 402 11.69 -11.78 11.18
C ARG A 402 12.24 -12.08 9.79
N HIS A 403 11.37 -12.41 8.86
CA HIS A 403 11.72 -12.38 7.46
C HIS A 403 11.13 -11.12 6.83
N GLU A 404 11.74 -10.70 5.70
CA GLU A 404 11.76 -9.40 5.00
C GLU A 404 12.78 -8.48 5.69
N SER A 405 13.44 -8.94 6.74
CA SER A 405 14.41 -8.14 7.48
C SER A 405 15.46 -9.10 8.04
N PHE A 406 16.08 -8.69 9.16
CA PHE A 406 17.42 -9.13 9.59
C PHE A 406 18.42 -8.84 8.46
N ASP A 407 18.57 -7.56 8.22
CA ASP A 407 19.38 -7.08 7.10
C ASP A 407 20.83 -6.97 7.54
N LEU A 408 21.67 -7.77 6.90
CA LEU A 408 23.11 -7.54 6.86
C LEU A 408 23.47 -6.46 5.87
N LEU A 409 22.52 -6.02 5.05
CA LEU A 409 22.78 -4.96 4.09
C LEU A 409 22.88 -3.60 4.78
N ARG A 410 22.10 -3.38 5.82
CA ARG A 410 22.20 -2.12 6.56
C ARG A 410 23.47 -2.06 7.38
N ILE A 411 23.97 -3.18 7.86
CA ILE A 411 25.15 -3.13 8.70
C ILE A 411 26.43 -3.20 7.87
N PHE A 412 26.42 -3.82 6.70
CA PHE A 412 27.63 -3.85 5.88
C PHE A 412 27.86 -2.56 5.12
N GLN A 413 26.90 -1.66 5.10
CA GLN A 413 27.06 -0.38 4.44
C GLN A 413 27.43 0.74 5.40
N VAL A 414 26.94 0.68 6.62
CA VAL A 414 27.38 1.60 7.67
C VAL A 414 28.80 1.29 8.09
N VAL A 415 29.20 0.02 8.08
CA VAL A 415 30.58 -0.35 8.41
C VAL A 415 31.54 0.15 7.35
N ALA A 416 31.16 0.08 6.07
CA ALA A 416 32.05 0.55 5.02
C ALA A 416 32.15 2.06 5.02
N ALA A 417 31.14 2.77 5.50
CA ALA A 417 31.20 4.21 5.63
C ALA A 417 32.04 4.66 6.81
N SER A 418 32.24 3.80 7.81
CA SER A 418 33.11 4.11 8.92
C SER A 418 34.56 3.82 8.60
N ILE A 419 34.83 2.82 7.76
CA ILE A 419 36.16 2.63 7.23
C ILE A 419 36.51 3.75 6.28
N LEU A 420 35.51 4.31 5.60
CA LEU A 420 35.77 5.37 4.64
C LEU A 420 36.09 6.70 5.35
N CYS A 421 35.41 6.98 6.46
CA CYS A 421 35.73 8.18 7.23
C CYS A 421 37.05 8.04 7.95
N GLY A 422 37.35 6.85 8.45
CA GLY A 422 38.58 6.64 9.18
C GLY A 422 39.82 6.66 8.32
N LEU A 423 39.66 6.47 7.02
CA LEU A 423 40.78 6.57 6.10
C LEU A 423 41.00 7.98 5.56
N MET A 424 39.95 8.79 5.46
CA MET A 424 40.12 10.19 5.06
C MET A 424 40.86 10.97 6.13
N TRP A 425 40.62 10.65 7.39
CA TRP A 425 41.29 11.30 8.50
C TRP A 425 42.35 10.43 9.15
N TRP A 426 42.80 9.38 8.47
CA TRP A 426 44.03 8.72 8.85
C TRP A 426 45.16 9.73 8.77
N HIS A 427 46.13 9.58 9.67
CA HIS A 427 47.23 10.53 9.91
C HIS A 427 46.78 12.00 9.91
N SER A 428 45.88 12.30 10.85
CA SER A 428 45.63 13.65 11.34
C SER A 428 46.10 13.72 12.78
N ASP A 429 46.54 14.89 13.20
CA ASP A 429 47.20 15.01 14.49
C ASP A 429 46.28 15.71 15.49
N TYR A 430 46.54 15.47 16.77
CA TYR A 430 45.73 16.05 17.84
C TYR A 430 45.88 17.55 17.91
N ARG A 431 47.02 18.09 17.48
CA ARG A 431 47.25 19.53 17.54
C ARG A 431 46.50 20.27 16.45
N ASP A 432 46.19 19.62 15.35
CA ASP A 432 45.47 20.28 14.26
C ASP A 432 44.01 20.35 14.65
N VAL A 433 43.64 21.46 15.28
CA VAL A 433 42.31 21.61 15.86
C VAL A 433 41.26 21.87 14.79
N HIS A 434 41.61 22.57 13.72
CA HIS A 434 40.64 22.91 12.70
C HIS A 434 40.18 21.70 11.90
N ASP A 435 41.02 20.66 11.79
CA ASP A 435 40.59 19.46 11.09
C ASP A 435 39.80 18.52 11.96
N ARG A 436 40.13 18.43 13.24
CA ARG A 436 39.41 17.53 14.12
C ARG A 436 38.01 18.00 14.40
N LEU A 437 37.74 19.30 14.33
CA LEU A 437 36.39 19.79 14.49
C LEU A 437 35.56 19.65 13.23
N GLY A 438 36.13 19.20 12.14
CA GLY A 438 35.37 18.91 10.95
C GLY A 438 35.05 17.45 10.86
N LEU A 439 35.86 16.62 11.51
CA LEU A 439 35.50 15.23 11.72
C LEU A 439 34.32 15.11 12.66
N LEU A 440 34.34 15.84 13.77
CA LEU A 440 33.31 15.72 14.77
C LEU A 440 31.99 16.31 14.31
N PHE A 441 32.00 17.26 13.38
CA PHE A 441 30.75 17.78 12.86
C PHE A 441 30.16 16.91 11.77
N PHE A 442 30.97 16.13 11.07
CA PHE A 442 30.43 15.20 10.08
C PHE A 442 29.75 14.01 10.76
N ILE A 443 30.22 13.61 11.94
CA ILE A 443 29.54 12.57 12.72
C ILE A 443 28.17 13.07 13.21
N SER A 444 28.06 14.36 13.51
CA SER A 444 26.78 14.94 13.90
C SER A 444 25.82 15.03 12.73
N ILE A 445 26.32 15.25 11.51
CA ILE A 445 25.45 15.25 10.34
C ILE A 445 24.99 13.85 10.03
N PHE A 446 25.90 12.88 10.09
CA PHE A 446 25.62 11.51 9.68
C PHE A 446 24.56 10.87 10.58
N TRP A 447 24.67 11.07 11.88
CA TRP A 447 23.78 10.41 12.83
C TRP A 447 22.63 11.28 13.27
N GLY A 448 22.34 12.33 12.53
CA GLY A 448 21.10 13.03 12.74
C GLY A 448 20.22 12.78 11.55
N VAL A 449 20.84 12.67 10.39
CA VAL A 449 20.14 12.46 9.13
C VAL A 449 19.69 11.02 8.99
N LEU A 450 20.51 10.08 9.42
CA LEU A 450 20.22 8.67 9.18
C LEU A 450 19.14 8.10 10.11
N PRO A 451 19.10 8.37 11.43
CA PRO A 451 17.97 7.86 12.21
C PRO A 451 16.66 8.54 11.91
N SER A 452 16.69 9.82 11.58
CA SER A 452 15.49 10.62 11.47
C SER A 452 14.73 10.31 10.19
N PHE A 453 15.45 9.94 9.13
CA PHE A 453 14.79 9.76 7.84
C PHE A 453 14.24 8.37 7.73
N ASN A 454 14.76 7.44 8.51
CA ASN A 454 14.30 6.07 8.50
C ASN A 454 13.06 5.91 9.36
N ALA A 455 12.91 6.75 10.36
CA ALA A 455 11.83 6.62 11.32
C ALA A 455 10.53 7.23 10.82
N VAL A 456 10.54 7.79 9.63
CA VAL A 456 9.34 8.45 9.11
C VAL A 456 8.41 7.46 8.43
N PHE A 457 8.80 6.19 8.36
CA PHE A 457 8.05 5.10 7.77
C PHE A 457 7.33 4.26 8.79
N THR A 458 7.49 4.52 10.08
CA THR A 458 7.07 3.58 11.11
C THR A 458 5.55 3.57 11.25
N PHE A 459 4.96 4.69 11.54
CA PHE A 459 3.50 4.74 11.64
C PHE A 459 2.75 4.84 10.31
N PRO A 460 3.21 5.56 9.26
CA PRO A 460 2.48 5.51 7.98
C PRO A 460 2.38 4.14 7.33
N GLN A 461 3.26 3.20 7.62
CA GLN A 461 3.13 1.87 7.05
C GLN A 461 2.21 0.97 7.84
N GLU A 462 1.51 1.48 8.84
CA GLU A 462 0.55 0.70 9.61
C GLU A 462 -0.85 1.27 9.50
N ARG A 463 -1.11 2.13 8.52
CA ARG A 463 -2.25 3.05 8.59
C ARG A 463 -3.59 2.34 8.44
N ALA A 464 -3.67 1.36 7.55
CA ALA A 464 -4.96 0.72 7.29
C ALA A 464 -5.34 -0.25 8.40
N ILE A 465 -4.36 -0.86 9.06
CA ILE A 465 -4.65 -1.88 10.06
C ILE A 465 -4.75 -1.26 11.45
N PHE A 466 -3.99 -0.20 11.73
CA PHE A 466 -4.17 0.57 12.96
C PHE A 466 -5.53 1.22 13.01
N THR A 467 -6.03 1.69 11.87
CA THR A 467 -7.33 2.34 11.81
C THR A 467 -8.46 1.36 12.07
N ARG A 468 -8.34 0.15 11.53
CA ARG A 468 -9.39 -0.86 11.68
C ARG A 468 -9.45 -1.40 13.11
N GLU A 469 -8.29 -1.64 13.72
CA GLU A 469 -8.22 -2.14 15.09
C GLU A 469 -8.40 -1.06 16.14
N ARG A 470 -8.32 0.22 15.76
CA ARG A 470 -8.65 1.27 16.71
C ARG A 470 -10.16 1.41 16.85
N ALA A 471 -10.91 1.17 15.78
CA ALA A 471 -12.36 1.22 15.83
C ALA A 471 -12.98 0.00 16.48
N SER A 472 -12.28 -1.13 16.50
CA SER A 472 -12.78 -2.30 17.19
C SER A 472 -12.70 -2.13 18.70
N GLY A 473 -11.61 -1.55 19.18
CA GLY A 473 -11.34 -1.47 20.60
C GLY A 473 -10.46 -2.60 21.06
N MET A 474 -9.46 -2.97 20.25
CA MET A 474 -8.64 -4.13 20.54
C MET A 474 -7.74 -3.89 21.75
N TYR A 475 -6.96 -2.82 21.69
CA TYR A 475 -5.97 -2.47 22.70
C TYR A 475 -5.97 -0.97 22.91
N THR A 476 -5.43 -0.55 24.05
CA THR A 476 -5.22 0.86 24.32
C THR A 476 -4.11 1.42 23.44
N LEU A 477 -4.06 2.74 23.35
CA LEU A 477 -3.06 3.37 22.49
C LEU A 477 -1.70 3.47 23.17
N SER A 478 -1.67 3.60 24.48
CA SER A 478 -0.40 3.78 25.16
C SER A 478 0.41 2.49 25.27
N SER A 479 -0.19 1.34 25.01
CA SER A 479 0.57 0.10 24.93
C SER A 479 0.86 -0.31 23.51
N TYR A 480 0.08 0.17 22.55
CA TYR A 480 0.50 0.04 21.16
C TYR A 480 1.65 0.96 20.85
N PHE A 481 1.64 2.16 21.42
CA PHE A 481 2.70 3.11 21.16
C PHE A 481 4.00 2.68 21.80
N MET A 482 3.93 2.20 23.04
CA MET A 482 5.13 1.82 23.78
C MET A 482 5.75 0.54 23.25
N ALA A 483 5.00 -0.27 22.53
CA ALA A 483 5.55 -1.47 21.92
C ALA A 483 6.33 -1.18 20.65
N HIS A 484 6.13 -0.02 20.05
CA HIS A 484 6.91 0.45 18.92
C HIS A 484 8.12 1.25 19.34
N VAL A 485 8.09 1.85 20.52
CA VAL A 485 9.29 2.45 21.09
C VAL A 485 10.30 1.37 21.45
N LEU A 486 9.86 0.34 22.15
CA LEU A 486 10.76 -0.70 22.59
C LEU A 486 11.16 -1.66 21.49
N GLY A 487 10.43 -1.68 20.39
CA GLY A 487 10.67 -2.67 19.37
C GLY A 487 11.70 -2.23 18.35
N SER A 488 11.89 -0.93 18.21
CA SER A 488 12.87 -0.38 17.29
C SER A 488 14.25 -0.24 17.90
N LEU A 489 14.34 -0.24 19.23
CA LEU A 489 15.49 0.21 19.98
C LEU A 489 16.66 -0.76 19.94
N SER A 490 16.49 -1.97 19.40
CA SER A 490 17.62 -2.89 19.36
C SER A 490 18.54 -2.61 18.19
N MET A 491 17.99 -2.59 16.96
CA MET A 491 18.81 -2.38 15.78
C MET A 491 19.25 -0.93 15.64
N GLU A 492 18.54 0.01 16.25
CA GLU A 492 18.96 1.40 16.18
C GLU A 492 20.17 1.71 17.04
N LEU A 493 20.59 0.81 17.91
CA LEU A 493 21.75 1.05 18.75
C LEU A 493 22.95 0.19 18.38
N VAL A 494 22.79 -0.80 17.50
CA VAL A 494 23.92 -1.60 17.06
C VAL A 494 24.65 -0.90 15.93
N LEU A 495 23.95 -0.13 15.12
CA LEU A 495 24.58 0.61 14.03
C LEU A 495 25.48 1.76 14.48
N PRO A 496 25.15 2.60 15.48
CA PRO A 496 26.15 3.60 15.91
C PRO A 496 27.30 3.01 16.67
N ALA A 497 27.11 1.87 17.34
CA ALA A 497 28.18 1.31 18.14
C ALA A 497 29.23 0.62 17.29
N SER A 498 28.84 0.11 16.13
CA SER A 498 29.78 -0.50 15.21
C SER A 498 30.37 0.49 14.22
N PHE A 499 29.71 1.63 13.99
CA PHE A 499 30.34 2.73 13.27
C PHE A 499 31.53 3.26 14.02
N LEU A 500 31.37 3.50 15.33
CA LEU A 500 32.35 4.23 16.09
C LEU A 500 33.53 3.38 16.49
N THR A 501 33.41 2.05 16.47
CA THR A 501 34.55 1.23 16.85
C THR A 501 35.64 1.28 15.80
N PHE A 502 35.27 1.43 14.53
CA PHE A 502 36.28 1.56 13.48
C PHE A 502 36.81 2.98 13.38
N THR A 503 35.95 3.98 13.43
CA THR A 503 36.39 5.35 13.22
C THR A 503 37.21 5.90 14.38
N TYR A 504 36.92 5.49 15.62
CA TYR A 504 37.59 6.10 16.77
C TYR A 504 39.04 5.68 16.88
N TRP A 505 39.38 4.49 16.42
CA TRP A 505 40.73 3.98 16.61
C TRP A 505 41.57 3.99 15.37
N MET A 506 40.96 4.07 14.18
CA MET A 506 41.73 4.31 12.97
C MET A 506 42.21 5.75 12.90
N VAL A 507 41.33 6.70 13.18
CA VAL A 507 41.71 8.10 13.31
C VAL A 507 42.56 8.29 14.55
N TYR A 508 42.33 7.47 15.58
CA TYR A 508 43.02 7.45 16.87
C TYR A 508 42.83 8.79 17.58
N LEU A 509 41.57 9.05 17.92
CA LEU A 509 41.19 10.34 18.48
C LEU A 509 41.79 10.57 19.84
N ARG A 510 41.36 9.85 20.84
CA ARG A 510 41.91 10.16 22.14
C ARG A 510 42.01 8.88 22.95
N PRO A 511 43.20 8.51 23.39
CA PRO A 511 43.39 7.19 23.98
C PRO A 511 42.87 7.12 25.39
N GLY A 512 42.26 5.99 25.71
CA GLY A 512 41.64 5.77 27.00
C GLY A 512 40.31 5.08 26.78
N ILE A 513 39.94 4.22 27.71
CA ILE A 513 38.63 3.61 27.62
C ILE A 513 37.56 4.54 28.17
N VAL A 514 37.93 5.50 29.01
CA VAL A 514 36.96 6.43 29.59
C VAL A 514 36.51 7.46 28.54
N PRO A 515 37.36 8.16 27.78
CA PRO A 515 36.80 9.03 26.73
C PRO A 515 36.24 8.31 25.53
N PHE A 516 36.40 7.00 25.44
CA PHE A 516 35.71 6.27 24.39
C PHE A 516 34.27 6.00 24.77
N LEU A 517 34.01 5.64 26.02
CA LEU A 517 32.66 5.29 26.41
C LEU A 517 31.78 6.52 26.58
N LEU A 518 32.36 7.67 26.95
CA LEU A 518 31.61 8.92 26.97
C LEU A 518 31.24 9.36 25.56
N THR A 519 32.10 9.10 24.58
CA THR A 519 31.79 9.42 23.19
C THR A 519 30.73 8.47 22.65
N LEU A 520 30.70 7.24 23.14
CA LEU A 520 29.72 6.27 22.66
C LEU A 520 28.34 6.57 23.22
N SER A 521 28.25 7.03 24.46
CA SER A 521 26.96 7.26 25.08
C SER A 521 26.33 8.59 24.66
N VAL A 522 27.13 9.60 24.33
CA VAL A 522 26.59 10.83 23.76
C VAL A 522 26.04 10.58 22.38
N LEU A 523 26.68 9.73 21.60
CA LEU A 523 26.21 9.42 20.27
C LEU A 523 24.98 8.52 20.28
N LEU A 524 24.75 7.75 21.35
CA LEU A 524 23.53 6.96 21.44
C LEU A 524 22.35 7.73 21.98
N LEU A 525 22.59 8.81 22.73
CA LEU A 525 21.52 9.68 23.19
C LEU A 525 21.05 10.61 22.09
N TYR A 526 21.91 10.93 21.15
CA TYR A 526 21.57 11.77 20.02
C TYR A 526 20.86 11.01 18.92
N VAL A 527 21.10 9.71 18.82
CA VAL A 527 20.39 8.89 17.84
C VAL A 527 18.95 8.68 18.26
N LEU A 528 18.69 8.58 19.56
CA LEU A 528 17.33 8.42 20.03
C LEU A 528 16.54 9.72 19.97
N ALA A 529 17.20 10.86 20.17
CA ALA A 529 16.54 12.14 20.05
C ALA A 529 16.25 12.52 18.61
N SER A 530 17.08 12.04 17.68
CA SER A 530 16.85 12.27 16.26
C SER A 530 15.83 11.31 15.68
N GLN A 531 15.67 10.13 16.26
CA GLN A 531 14.63 9.21 15.82
C GLN A 531 13.25 9.73 16.15
N GLY A 532 13.08 10.39 17.30
CA GLY A 532 11.79 10.89 17.71
C GLY A 532 11.29 12.07 16.92
N LEU A 533 12.17 12.75 16.19
CA LEU A 533 11.71 13.78 15.27
C LEU A 533 11.05 13.18 14.05
N GLY A 534 11.53 12.04 13.57
CA GLY A 534 10.90 11.40 12.44
C GLY A 534 9.61 10.69 12.80
N LEU A 535 9.50 10.19 14.03
CA LEU A 535 8.26 9.57 14.48
C LEU A 535 7.14 10.58 14.64
N ALA A 536 7.45 11.78 15.08
CA ALA A 536 6.41 12.78 15.28
C ALA A 536 5.92 13.35 13.96
N LEU A 537 6.77 13.44 12.95
CA LEU A 537 6.34 13.97 11.68
C LEU A 537 5.70 12.91 10.80
N GLY A 538 5.87 11.65 11.12
CA GLY A 538 5.19 10.60 10.38
C GLY A 538 3.85 10.26 10.98
N ALA A 539 3.64 10.62 12.24
CA ALA A 539 2.35 10.44 12.89
C ALA A 539 1.41 11.59 12.66
N ALA A 540 1.95 12.79 12.42
CA ALA A 540 1.12 13.95 12.13
C ALA A 540 0.71 13.99 10.67
N ILE A 541 1.64 13.72 9.77
CA ILE A 541 1.38 13.56 8.35
C ILE A 541 1.35 12.07 8.08
N MET A 542 0.22 11.52 7.68
CA MET A 542 0.07 10.08 7.76
C MET A 542 0.42 9.36 6.46
N ASP A 543 1.32 9.92 5.65
CA ASP A 543 1.94 9.16 4.58
C ASP A 543 3.40 9.56 4.46
N ALA A 544 4.20 8.65 3.94
CA ALA A 544 5.65 8.76 4.05
C ALA A 544 6.29 9.57 2.94
N LYS A 545 5.61 9.77 1.82
CA LYS A 545 6.18 10.60 0.77
C LYS A 545 6.04 12.07 1.10
N LYS A 546 4.90 12.46 1.68
CA LYS A 546 4.71 13.84 2.08
C LYS A 546 5.54 14.20 3.30
N ALA A 547 5.78 13.22 4.17
CA ALA A 547 6.45 13.47 5.44
C ALA A 547 7.95 13.51 5.28
N SER A 548 8.50 12.78 4.33
CA SER A 548 9.94 12.81 4.07
C SER A 548 10.28 13.82 3.00
N THR A 549 9.75 14.99 3.17
CA THR A 549 10.08 16.27 2.59
C THR A 549 10.13 17.30 3.69
N ILE A 550 9.24 17.19 4.67
CA ILE A 550 9.23 18.06 5.82
C ILE A 550 10.43 17.78 6.69
N VAL A 551 10.85 16.52 6.78
CA VAL A 551 11.95 16.16 7.66
C VAL A 551 13.30 16.39 7.00
N THR A 552 13.37 16.44 5.67
CA THR A 552 14.62 16.72 5.00
C THR A 552 14.97 18.19 5.10
N VAL A 553 13.99 19.08 4.97
CA VAL A 553 14.27 20.50 5.07
C VAL A 553 14.47 20.90 6.53
N THR A 554 13.80 20.23 7.46
CA THR A 554 13.95 20.55 8.88
C THR A 554 15.32 20.12 9.39
N MET A 555 15.84 19.01 8.89
CA MET A 555 17.14 18.54 9.35
C MET A 555 18.28 19.32 8.73
N LEU A 556 18.15 19.78 7.48
CA LEU A 556 19.14 20.65 6.88
C LEU A 556 19.14 22.05 7.47
N ALA A 557 18.08 22.44 8.16
CA ALA A 557 18.06 23.67 8.93
C ALA A 557 18.65 23.49 10.33
N PHE A 558 18.68 22.27 10.84
CA PHE A 558 19.38 22.00 12.08
C PHE A 558 20.88 21.89 11.85
N VAL A 559 21.28 21.51 10.65
CA VAL A 559 22.70 21.50 10.30
C VAL A 559 23.21 22.93 10.18
N LEU A 560 22.42 23.81 9.58
CA LEU A 560 22.83 25.19 9.33
C LEU A 560 23.00 25.98 10.63
N THR A 561 22.05 25.85 11.54
CA THR A 561 22.17 26.48 12.85
C THR A 561 22.87 25.59 13.87
N GLY A 562 23.53 24.52 13.43
CA GLY A 562 24.15 23.59 14.34
C GLY A 562 25.52 23.98 14.84
N GLY A 563 26.19 24.89 14.16
CA GLY A 563 27.37 25.49 14.74
C GLY A 563 28.68 25.31 14.01
N TYR A 564 28.63 25.12 12.71
CA TYR A 564 29.89 25.02 11.98
C TYR A 564 30.00 26.01 10.84
N TYR A 565 28.90 26.38 10.19
CA TYR A 565 29.06 27.02 8.89
C TYR A 565 29.32 28.51 8.96
N VAL A 566 28.66 29.24 9.84
CA VAL A 566 28.76 30.70 9.82
C VAL A 566 29.57 31.12 11.04
N ASN A 567 30.47 32.09 10.85
CA ASN A 567 31.22 32.60 11.99
C ASN A 567 30.50 33.76 12.69
N LYS A 568 30.07 34.78 11.96
CA LYS A 568 29.30 35.87 12.55
C LYS A 568 27.86 35.80 12.05
N VAL A 569 26.93 35.60 12.97
CA VAL A 569 25.51 35.53 12.68
C VAL A 569 24.92 36.84 13.20
N PRO A 570 23.80 37.32 12.67
CA PRO A 570 23.43 38.72 12.89
C PRO A 570 23.02 39.20 14.27
N SER A 571 23.13 38.38 15.32
CA SER A 571 22.81 38.77 16.70
C SER A 571 21.35 39.22 16.81
N GLY A 572 20.47 38.25 16.71
CA GLY A 572 19.08 38.44 16.42
C GLY A 572 18.67 37.18 15.70
N MET A 573 19.68 36.36 15.39
CA MET A 573 19.48 34.98 14.99
C MET A 573 20.38 34.02 15.74
N VAL A 574 20.95 34.44 16.86
CA VAL A 574 21.74 33.53 17.67
C VAL A 574 20.87 32.58 18.47
N TRP A 575 19.59 32.87 18.65
CA TRP A 575 18.76 32.01 19.48
C TRP A 575 18.30 30.77 18.75
N MET A 576 18.49 30.68 17.45
CA MET A 576 17.94 29.55 16.71
C MET A 576 18.73 28.29 16.90
N LYS A 577 19.97 28.40 17.38
CA LYS A 577 20.79 27.22 17.61
C LYS A 577 20.36 26.46 18.84
N TYR A 578 19.60 27.07 19.73
CA TYR A 578 19.11 26.39 20.93
C TYR A 578 17.87 25.55 20.70
N VAL A 579 17.46 25.35 19.45
CA VAL A 579 16.31 24.52 19.12
C VAL A 579 16.84 23.30 18.37
N SER A 580 18.01 23.47 17.77
CA SER A 580 18.65 22.43 16.98
C SER A 580 19.16 21.29 17.87
N THR A 581 18.93 20.06 17.42
CA THR A 581 19.48 18.88 18.10
C THR A 581 20.97 18.70 17.79
N THR A 582 21.37 19.06 16.57
CA THR A 582 22.75 18.93 16.11
C THR A 582 23.71 19.81 16.91
N PHE A 583 23.22 20.92 17.45
CA PHE A 583 24.03 21.83 18.25
C PHE A 583 24.50 21.19 19.53
N TYR A 584 23.63 20.48 20.23
CA TYR A 584 23.95 19.98 21.56
C TYR A 584 24.82 18.74 21.51
N CYS A 585 24.81 17.99 20.41
CA CYS A 585 25.73 16.87 20.25
C CYS A 585 27.14 17.34 19.95
N TYR A 586 27.28 18.24 18.98
CA TYR A 586 28.57 18.76 18.56
C TYR A 586 29.25 19.53 19.67
N ARG A 587 28.50 20.17 20.55
CA ARG A 587 29.12 20.82 21.70
C ARG A 587 29.61 19.81 22.73
N LEU A 588 29.01 18.62 22.78
CA LEU A 588 29.44 17.62 23.73
C LEU A 588 30.62 16.81 23.24
N LEU A 589 30.74 16.62 21.92
CA LEU A 589 31.89 15.88 21.43
C LEU A 589 33.16 16.70 21.48
N VAL A 590 33.07 18.01 21.32
CA VAL A 590 34.23 18.89 21.43
C VAL A 590 34.69 18.99 22.88
N ALA A 591 33.77 18.88 23.83
CA ALA A 591 34.12 18.96 25.23
C ALA A 591 34.80 17.71 25.74
N ILE A 592 34.53 16.56 25.14
CA ILE A 592 35.19 15.33 25.58
C ILE A 592 36.61 15.28 25.06
N GLN A 593 36.83 15.75 23.84
CA GLN A 593 38.14 15.67 23.21
C GLN A 593 39.07 16.75 23.71
N TYR A 594 38.65 18.00 23.68
CA TYR A 594 39.54 19.10 24.03
C TYR A 594 39.28 19.68 25.40
N GLY A 595 38.12 19.44 25.99
CA GLY A 595 37.88 19.93 27.33
C GLY A 595 37.57 21.41 27.35
N SER A 596 37.93 22.04 28.47
CA SER A 596 37.75 23.48 28.62
C SER A 596 39.01 24.24 28.23
N GLY A 597 39.52 23.97 27.03
CA GLY A 597 40.80 24.53 26.63
C GLY A 597 41.91 23.98 27.49
N GLU A 598 42.84 24.85 27.88
CA GLU A 598 43.79 24.71 29.00
C GLU A 598 44.83 23.60 28.83
N GLU A 599 44.80 22.86 27.75
CA GLU A 599 45.88 21.94 27.40
C GLU A 599 46.36 22.18 25.98
N ILE A 600 45.46 22.48 25.05
CA ILE A 600 45.87 22.93 23.74
C ILE A 600 46.42 24.33 23.78
N LEU A 601 46.01 25.14 24.75
CA LEU A 601 46.53 26.50 24.82
C LEU A 601 47.97 26.51 25.33
N ARG A 602 48.36 25.49 26.10
CA ARG A 602 49.75 25.35 26.48
C ARG A 602 50.56 24.59 25.45
N MET A 603 49.90 23.86 24.55
CA MET A 603 50.58 23.09 23.52
C MET A 603 50.71 23.85 22.21
N LEU A 604 49.76 24.71 21.90
CA LEU A 604 49.85 25.61 20.76
C LEU A 604 50.50 26.94 21.13
N GLY A 605 51.05 27.04 22.33
CA GLY A 605 51.83 28.21 22.73
C GLY A 605 51.04 29.36 23.33
N CYS A 606 50.29 30.07 22.48
CA CYS A 606 49.65 31.35 22.80
C CYS A 606 50.61 32.38 23.39
N ALA A 620 44.85 32.23 14.35
CA ALA A 620 44.81 30.95 13.66
C ALA A 620 45.27 29.83 14.59
N GLY A 621 46.00 30.19 15.63
CA GLY A 621 46.46 29.23 16.60
C GLY A 621 45.89 29.51 17.97
N CYS A 622 45.73 30.78 18.29
CA CYS A 622 45.12 31.17 19.55
C CYS A 622 43.94 32.09 19.36
N ARG A 623 43.60 32.43 18.13
CA ARG A 623 42.38 33.17 17.85
C ARG A 623 41.20 32.26 17.53
N PHE A 624 41.41 31.24 16.69
CA PHE A 624 40.33 30.34 16.32
C PHE A 624 39.87 29.48 17.49
N VAL A 625 40.73 29.21 18.45
CA VAL A 625 40.42 28.26 19.50
C VAL A 625 39.74 28.96 20.67
N GLU A 626 39.26 30.18 20.44
CA GLU A 626 38.53 30.92 21.45
C GLU A 626 37.08 31.19 21.08
N GLU A 627 36.70 31.04 19.82
CA GLU A 627 35.29 31.07 19.49
C GLU A 627 34.66 29.69 19.45
N GLU A 628 35.42 28.67 19.08
CA GLU A 628 34.83 27.38 18.75
C GLU A 628 35.23 26.25 19.67
N VAL A 629 36.36 26.33 20.35
CA VAL A 629 36.74 25.27 21.28
C VAL A 629 36.23 25.56 22.68
N ILE A 630 36.23 26.84 23.08
CA ILE A 630 35.88 27.21 24.45
C ILE A 630 34.41 26.95 24.73
N GLY A 631 33.53 27.45 23.88
CA GLY A 631 32.12 27.15 23.98
C GLY A 631 31.42 27.95 25.07
N ASP A 632 30.11 27.80 25.09
CA ASP A 632 29.24 28.65 25.90
C ASP A 632 28.14 27.92 26.64
N VAL A 633 27.72 26.74 26.19
CA VAL A 633 26.67 25.97 26.82
C VAL A 633 27.34 24.92 27.70
N GLY A 634 26.84 24.77 28.92
CA GLY A 634 27.46 23.88 29.88
C GLY A 634 27.37 22.42 29.49
N MET A 635 28.12 21.59 30.20
CA MET A 635 28.19 20.20 29.79
C MET A 635 26.99 19.41 30.28
N TRP A 636 26.37 19.84 31.39
CA TRP A 636 25.17 19.17 31.89
C TRP A 636 23.88 19.71 31.29
N THR A 637 23.86 20.94 30.82
CA THR A 637 22.66 21.45 30.17
C THR A 637 22.58 21.01 28.72
N SER A 638 23.66 20.53 28.14
CA SER A 638 23.56 19.90 26.83
C SER A 638 23.05 18.48 26.93
N VAL A 639 23.22 17.83 28.08
CA VAL A 639 22.68 16.50 28.32
C VAL A 639 21.22 16.60 28.74
N GLY A 640 20.89 17.56 29.59
CA GLY A 640 19.53 17.74 30.04
C GLY A 640 18.57 18.29 29.02
N VAL A 641 19.05 18.73 27.86
CA VAL A 641 18.17 19.15 26.79
C VAL A 641 17.99 18.04 25.75
N LEU A 642 18.98 17.19 25.56
CA LEU A 642 18.75 16.02 24.73
C LEU A 642 17.85 14.98 25.40
N PHE A 643 17.70 15.00 26.72
CA PHE A 643 16.65 14.21 27.37
C PHE A 643 15.28 14.88 27.26
N LEU A 644 15.23 16.20 27.17
CA LEU A 644 13.96 16.88 27.01
C LEU A 644 13.43 16.74 25.59
N MET A 645 14.33 16.59 24.62
CA MET A 645 13.92 16.29 23.26
C MET A 645 13.71 14.81 23.04
N PHE A 646 14.24 13.97 23.92
CA PHE A 646 13.91 12.56 23.85
C PHE A 646 12.46 12.32 24.23
N PHE A 647 12.05 12.79 25.40
CA PHE A 647 10.68 12.56 25.85
C PHE A 647 9.69 13.43 25.11
N GLY A 648 10.08 14.66 24.78
CA GLY A 648 9.14 15.60 24.20
C GLY A 648 8.73 15.28 22.78
N TYR A 649 9.60 14.65 22.02
CA TYR A 649 9.26 14.23 20.67
C TYR A 649 8.47 12.94 20.61
N ARG A 650 8.45 12.14 21.67
CA ARG A 650 7.54 10.99 21.71
C ARG A 650 6.20 11.34 22.36
N VAL A 651 6.10 12.44 23.09
CA VAL A 651 4.80 12.88 23.56
C VAL A 651 4.01 13.45 22.40
N LEU A 652 4.65 14.26 21.56
CA LEU A 652 3.98 14.85 20.42
C LEU A 652 3.66 13.83 19.33
N ALA A 653 4.26 12.65 19.36
CA ALA A 653 3.87 11.60 18.43
C ALA A 653 2.67 10.82 18.95
N TYR A 654 2.49 10.78 20.26
CA TYR A 654 1.31 10.14 20.84
C TYR A 654 0.08 11.00 20.65
N LEU A 655 0.22 12.31 20.78
CA LEU A 655 -0.92 13.20 20.62
C LEU A 655 -1.35 13.32 19.16
N ALA A 656 -0.48 12.99 18.22
CA ALA A 656 -0.85 13.02 16.82
C ALA A 656 -1.57 11.75 16.39
N LEU A 657 -1.36 10.64 17.09
CA LEU A 657 -2.09 9.41 16.84
C LEU A 657 -3.39 9.35 17.59
N ARG A 658 -3.57 10.21 18.58
CA ARG A 658 -4.81 10.27 19.34
C ARG A 658 -5.94 10.88 18.52
N ARG A 659 -5.61 11.57 17.44
CA ARG A 659 -6.63 12.20 16.58
C ARG A 659 -7.47 11.16 15.86
N ILE A 660 -6.85 10.09 15.40
CA ILE A 660 -7.46 9.13 14.49
C ILE A 660 -8.47 8.30 15.28
N LYS A 661 -9.75 8.50 15.01
CA LYS A 661 -10.83 7.76 15.65
C LYS A 661 -12.02 7.76 14.70
N HIS A 662 -12.95 6.85 14.95
CA HIS A 662 -14.16 6.74 14.10
C HIS A 662 -15.46 6.58 14.87
N CYS B 35 -9.50 -12.78 -37.03
CA CYS B 35 -9.70 -13.88 -36.10
C CYS B 35 -8.41 -14.67 -35.91
N PHE B 36 -8.25 -15.26 -34.72
CA PHE B 36 -7.07 -16.06 -34.39
C PHE B 36 -7.49 -17.04 -33.32
N PRO B 37 -8.07 -18.18 -33.71
CA PRO B 37 -8.71 -19.05 -32.72
C PRO B 37 -7.68 -19.82 -31.90
N ILE B 38 -7.87 -19.80 -30.58
CA ILE B 38 -6.99 -20.50 -29.65
C ILE B 38 -7.68 -21.78 -29.20
N THR B 39 -6.97 -22.89 -29.32
CA THR B 39 -7.33 -24.15 -28.68
C THR B 39 -6.40 -24.38 -27.52
N LEU B 40 -6.94 -24.47 -26.31
CA LEU B 40 -6.14 -24.63 -25.12
C LEU B 40 -6.09 -26.09 -24.71
N LYS B 41 -4.90 -26.55 -24.34
CA LYS B 41 -4.72 -27.88 -23.78
C LYS B 41 -3.85 -27.79 -22.54
N PHE B 42 -4.09 -28.70 -21.61
CA PHE B 42 -3.24 -28.87 -20.44
C PHE B 42 -3.29 -30.33 -20.05
N VAL B 43 -2.12 -30.94 -19.92
CA VAL B 43 -1.97 -32.38 -19.73
C VAL B 43 -1.07 -32.60 -18.52
N ASP B 44 -1.58 -33.29 -17.50
CA ASP B 44 -0.84 -33.75 -16.33
C ASP B 44 -0.18 -32.60 -15.57
N VAL B 45 -0.99 -31.64 -15.17
CA VAL B 45 -0.49 -30.46 -14.46
C VAL B 45 -0.41 -30.80 -12.98
N CYS B 46 0.80 -30.69 -12.42
CA CYS B 46 1.04 -30.85 -10.99
C CYS B 46 1.60 -29.54 -10.44
N TYR B 47 1.46 -29.33 -9.15
CA TYR B 47 1.99 -28.13 -8.53
C TYR B 47 2.25 -28.41 -7.06
N ARG B 48 3.52 -28.47 -6.67
CA ARG B 48 3.93 -28.65 -5.30
C ARG B 48 4.36 -27.31 -4.73
N VAL B 49 4.27 -27.17 -3.41
CA VAL B 49 4.78 -25.98 -2.76
C VAL B 49 5.41 -26.41 -1.45
N LYS B 50 6.30 -25.57 -0.94
CA LYS B 50 7.07 -25.86 0.27
C LYS B 50 6.60 -24.96 1.39
N ILE B 51 6.06 -25.55 2.44
CA ILE B 51 5.40 -24.80 3.50
C ILE B 51 6.35 -24.38 4.61
N GLU B 80 6.29 -29.98 2.20
CA GLU B 80 5.76 -30.25 0.87
C GLU B 80 4.28 -30.51 0.91
N ARG B 81 3.53 -29.71 0.15
CA ARG B 81 2.09 -29.81 0.04
C ARG B 81 1.73 -29.85 -1.43
N THR B 82 0.92 -30.82 -1.83
CA THR B 82 0.51 -30.94 -3.22
C THR B 82 -0.78 -30.16 -3.43
N ILE B 83 -0.72 -29.14 -4.27
CA ILE B 83 -1.88 -28.30 -4.51
C ILE B 83 -2.69 -28.82 -5.69
N LEU B 84 -2.04 -29.14 -6.80
CA LEU B 84 -2.68 -29.77 -7.95
C LEU B 84 -1.94 -31.05 -8.30
N SER B 85 -2.66 -32.06 -8.77
CA SER B 85 -2.03 -33.32 -9.12
C SER B 85 -2.86 -34.01 -10.21
N GLY B 86 -2.37 -33.97 -11.43
CA GLY B 86 -2.97 -34.70 -12.52
C GLY B 86 -4.28 -34.15 -13.03
N VAL B 87 -4.25 -32.94 -13.59
CA VAL B 87 -5.44 -32.27 -14.08
C VAL B 87 -5.32 -32.17 -15.58
N THR B 88 -6.12 -32.92 -16.31
CA THR B 88 -6.07 -33.00 -17.76
C THR B 88 -7.37 -32.47 -18.34
N GLY B 89 -7.27 -31.60 -19.35
CA GLY B 89 -8.45 -31.06 -19.98
C GLY B 89 -8.09 -30.45 -21.32
N MET B 90 -9.12 -30.02 -22.03
CA MET B 90 -8.97 -29.43 -23.36
C MET B 90 -10.20 -28.61 -23.67
N ILE B 91 -9.99 -27.36 -24.04
CA ILE B 91 -11.09 -26.47 -24.38
C ILE B 91 -10.82 -25.81 -25.74
N SER B 92 -11.76 -25.98 -26.67
CA SER B 92 -11.77 -25.63 -28.07
C SER B 92 -12.36 -24.24 -28.29
N PRO B 93 -12.18 -23.62 -29.46
CA PRO B 93 -12.89 -22.37 -29.73
C PRO B 93 -14.37 -22.58 -29.98
N GLY B 94 -15.17 -21.67 -29.46
CA GLY B 94 -16.61 -21.80 -29.53
C GLY B 94 -17.21 -22.44 -28.30
N GLU B 95 -16.50 -22.45 -27.18
CA GLU B 95 -16.85 -23.25 -26.04
C GLU B 95 -16.68 -22.47 -24.75
N PHE B 96 -17.65 -22.63 -23.85
CA PHE B 96 -17.73 -21.89 -22.60
C PHE B 96 -17.72 -22.88 -21.45
N MET B 97 -16.62 -22.89 -20.69
CA MET B 97 -16.32 -23.90 -19.69
C MET B 97 -16.34 -23.30 -18.31
N ALA B 98 -16.88 -24.04 -17.35
CA ALA B 98 -16.92 -23.63 -15.96
C ALA B 98 -16.03 -24.53 -15.13
N VAL B 99 -15.35 -23.94 -14.16
CA VAL B 99 -14.46 -24.66 -13.26
C VAL B 99 -15.09 -24.55 -11.87
N LEU B 100 -15.72 -25.63 -11.42
CA LEU B 100 -16.41 -25.68 -10.14
C LEU B 100 -15.55 -26.38 -9.11
N GLY B 101 -15.82 -26.11 -7.84
CA GLY B 101 -15.13 -26.78 -6.78
C GLY B 101 -15.26 -26.07 -5.46
N PRO B 102 -14.84 -26.73 -4.38
CA PRO B 102 -14.86 -26.09 -3.07
C PRO B 102 -13.80 -25.02 -2.87
N SER B 103 -13.70 -24.49 -1.66
CA SER B 103 -12.68 -23.51 -1.35
C SER B 103 -11.36 -24.22 -1.05
N GLY B 104 -10.30 -23.76 -1.68
CA GLY B 104 -9.02 -24.39 -1.52
C GLY B 104 -8.77 -25.59 -2.40
N SER B 105 -9.67 -25.88 -3.34
CA SER B 105 -9.50 -27.05 -4.17
C SER B 105 -8.48 -26.84 -5.28
N GLY B 106 -8.06 -25.60 -5.51
CA GLY B 106 -6.97 -25.31 -6.41
C GLY B 106 -7.35 -24.67 -7.71
N LYS B 107 -8.56 -24.16 -7.83
CA LYS B 107 -9.05 -23.73 -9.14
C LYS B 107 -8.66 -22.30 -9.49
N SER B 108 -7.98 -21.58 -8.62
CA SER B 108 -7.34 -20.34 -9.01
C SER B 108 -5.85 -20.49 -9.20
N THR B 109 -5.29 -21.64 -8.84
CA THR B 109 -3.95 -21.99 -9.24
C THR B 109 -3.95 -22.60 -10.64
N LEU B 110 -5.01 -23.31 -10.99
CA LEU B 110 -5.11 -23.88 -12.34
C LEU B 110 -5.37 -22.81 -13.39
N LEU B 111 -6.21 -21.83 -13.09
CA LEU B 111 -6.46 -20.75 -14.02
C LEU B 111 -5.29 -19.81 -14.15
N ASN B 112 -4.43 -19.78 -13.17
CA ASN B 112 -3.30 -18.86 -13.14
C ASN B 112 -2.07 -19.47 -13.79
N ALA B 113 -2.12 -20.76 -14.13
CA ALA B 113 -1.08 -21.44 -14.88
C ALA B 113 -1.39 -21.55 -16.35
N VAL B 114 -2.67 -21.65 -16.72
CA VAL B 114 -3.04 -21.61 -18.14
C VAL B 114 -3.12 -20.20 -18.68
N ALA B 115 -3.08 -19.19 -17.82
CA ALA B 115 -2.97 -17.83 -18.30
C ALA B 115 -1.52 -17.47 -18.60
N GLY B 116 -0.58 -18.17 -17.99
CA GLY B 116 0.82 -17.89 -18.16
C GLY B 116 1.46 -17.05 -17.08
N ARG B 117 0.82 -16.93 -15.92
CA ARG B 117 1.31 -16.10 -14.83
C ARG B 117 1.85 -16.92 -13.68
N LEU B 118 2.10 -18.19 -13.90
CA LEU B 118 2.59 -19.09 -12.85
C LEU B 118 3.49 -20.10 -13.53
N HIS B 119 4.75 -20.12 -13.15
CA HIS B 119 5.74 -20.99 -13.76
C HIS B 119 6.84 -21.25 -12.74
N GLY B 120 7.89 -21.93 -13.18
CA GLY B 120 9.04 -22.19 -12.33
C GLY B 120 9.34 -23.68 -12.22
N SER B 121 9.92 -24.06 -11.10
CA SER B 121 10.23 -25.46 -10.84
C SER B 121 9.14 -26.16 -10.04
N ASN B 122 8.15 -25.43 -9.54
CA ASN B 122 7.02 -26.06 -8.89
C ASN B 122 6.04 -26.64 -9.91
N LEU B 123 5.73 -25.87 -10.95
CA LEU B 123 4.77 -26.31 -11.93
C LEU B 123 5.38 -27.36 -12.84
N THR B 124 4.61 -28.41 -13.12
CA THR B 124 5.08 -29.47 -13.99
C THR B 124 3.92 -29.99 -14.82
N GLY B 125 4.06 -29.97 -16.12
CA GLY B 125 3.02 -30.44 -17.00
C GLY B 125 3.02 -29.63 -18.27
N LYS B 126 2.43 -30.21 -19.31
CA LYS B 126 2.40 -29.60 -20.62
C LYS B 126 1.18 -28.72 -20.72
N ILE B 127 1.39 -27.41 -20.80
CA ILE B 127 0.33 -26.44 -21.06
C ILE B 127 0.55 -25.91 -22.47
N LEU B 128 -0.36 -26.21 -23.37
CA LEU B 128 -0.18 -26.00 -24.80
C LEU B 128 -1.23 -25.05 -25.33
N ILE B 129 -0.82 -24.10 -26.16
CA ILE B 129 -1.72 -23.18 -26.84
C ILE B 129 -1.44 -23.32 -28.33
N ASN B 130 -2.37 -23.97 -29.04
CA ASN B 130 -2.21 -24.38 -30.44
C ASN B 130 -0.92 -25.16 -30.65
N ASP B 131 -0.79 -26.24 -29.88
CA ASP B 131 0.26 -27.26 -29.98
C ASP B 131 1.66 -26.71 -29.69
N GLY B 132 1.79 -25.55 -29.05
CA GLY B 132 3.09 -24.98 -28.75
C GLY B 132 3.12 -24.40 -27.35
N LYS B 133 4.28 -23.86 -27.01
CA LYS B 133 4.46 -23.31 -25.68
C LYS B 133 3.77 -21.95 -25.58
N ILE B 134 3.74 -21.40 -24.37
CA ILE B 134 3.20 -20.05 -24.15
C ILE B 134 4.24 -19.07 -24.64
N THR B 135 3.99 -18.46 -25.79
CA THR B 135 4.87 -17.52 -26.46
C THR B 135 4.50 -16.11 -26.01
N LYS B 136 5.38 -15.15 -26.30
CA LYS B 136 5.06 -13.74 -26.09
C LYS B 136 3.96 -13.27 -27.04
N GLN B 137 3.80 -13.94 -28.18
CA GLN B 137 2.76 -13.57 -29.13
C GLN B 137 1.38 -13.94 -28.63
N THR B 138 1.26 -15.06 -27.93
CA THR B 138 -0.05 -15.51 -27.45
C THR B 138 -0.51 -14.78 -26.21
N LEU B 139 0.37 -14.06 -25.52
CA LEU B 139 -0.06 -13.29 -24.37
C LEU B 139 -0.63 -11.94 -24.76
N LYS B 140 -0.60 -11.58 -26.04
CA LYS B 140 -1.25 -10.38 -26.53
C LYS B 140 -2.70 -10.62 -26.91
N ARG B 141 -3.08 -11.87 -27.16
CA ARG B 141 -4.44 -12.24 -27.52
C ARG B 141 -5.20 -12.83 -26.34
N THR B 142 -4.58 -12.91 -25.17
CA THR B 142 -5.16 -13.50 -23.98
C THR B 142 -5.59 -12.40 -23.02
N GLY B 143 -6.80 -12.52 -22.48
CA GLY B 143 -7.28 -11.62 -21.45
C GLY B 143 -7.53 -12.38 -20.16
N PHE B 144 -6.98 -11.86 -19.07
CA PHE B 144 -7.05 -12.51 -17.76
C PHE B 144 -7.61 -11.52 -16.75
N VAL B 145 -8.81 -11.78 -16.27
CA VAL B 145 -9.44 -10.97 -15.23
C VAL B 145 -9.17 -11.66 -13.91
N ALA B 146 -8.34 -11.05 -13.06
CA ALA B 146 -7.96 -11.67 -11.80
C ALA B 146 -9.05 -11.47 -10.77
N GLN B 147 -8.82 -11.95 -9.56
CA GLN B 147 -9.85 -11.96 -8.54
C GLN B 147 -9.86 -10.68 -7.70
N ASP B 148 -8.70 -10.07 -7.45
CA ASP B 148 -8.61 -8.80 -6.78
C ASP B 148 -8.43 -7.68 -7.81
N ASP B 149 -9.00 -6.53 -7.52
CA ASP B 149 -9.13 -5.44 -8.49
C ASP B 149 -8.10 -4.36 -8.20
N LEU B 150 -7.25 -4.05 -9.17
CA LEU B 150 -6.20 -3.05 -9.04
C LEU B 150 -6.44 -1.94 -10.06
N LEU B 151 -6.95 -0.81 -9.60
CA LEU B 151 -7.27 0.31 -10.46
C LEU B 151 -6.65 1.58 -9.89
N TYR B 152 -6.69 2.66 -10.67
CA TYR B 152 -6.20 3.95 -10.20
C TYR B 152 -7.23 4.68 -9.36
N PRO B 153 -6.87 5.22 -8.21
CA PRO B 153 -7.87 5.79 -7.32
C PRO B 153 -8.32 7.19 -7.67
N HIS B 154 -7.91 7.73 -8.80
CA HIS B 154 -8.25 9.12 -9.06
C HIS B 154 -8.92 9.36 -10.39
N LEU B 155 -9.00 8.38 -11.25
CA LEU B 155 -9.74 8.53 -12.47
C LEU B 155 -11.20 8.21 -12.21
N THR B 156 -12.08 8.80 -12.99
CA THR B 156 -13.47 8.43 -12.89
C THR B 156 -13.69 7.14 -13.68
N VAL B 157 -14.91 6.62 -13.63
CA VAL B 157 -15.17 5.35 -14.29
C VAL B 157 -15.13 5.51 -15.80
N ARG B 158 -15.56 6.66 -16.30
CA ARG B 158 -15.50 6.92 -17.74
C ARG B 158 -14.07 7.20 -18.20
N GLU B 159 -13.29 7.91 -17.40
CA GLU B 159 -11.91 8.21 -17.78
C GLU B 159 -11.03 6.98 -17.74
N THR B 160 -11.36 6.00 -16.90
CA THR B 160 -10.62 4.74 -16.85
C THR B 160 -10.81 3.95 -18.13
N LEU B 161 -12.03 3.92 -18.65
CA LEU B 161 -12.36 3.09 -19.80
C LEU B 161 -12.16 3.79 -21.13
N VAL B 162 -11.80 5.06 -21.15
CA VAL B 162 -11.40 5.73 -22.38
C VAL B 162 -9.90 5.59 -22.62
N PHE B 163 -9.09 5.60 -21.56
CA PHE B 163 -7.66 5.36 -21.70
C PHE B 163 -7.37 3.94 -22.18
N VAL B 164 -8.18 2.98 -21.80
CA VAL B 164 -8.00 1.60 -22.27
C VAL B 164 -8.43 1.48 -23.72
N ALA B 165 -9.46 2.20 -24.13
CA ALA B 165 -9.92 2.10 -25.51
C ALA B 165 -8.97 2.76 -26.47
N LEU B 166 -8.30 3.83 -26.07
CA LEU B 166 -7.37 4.50 -26.97
C LEU B 166 -6.06 3.75 -27.11
N LEU B 167 -5.59 3.12 -26.04
CA LEU B 167 -4.34 2.36 -26.10
C LEU B 167 -4.51 1.04 -26.84
N ARG B 168 -5.60 0.32 -26.60
CA ARG B 168 -5.65 -1.08 -26.97
C ARG B 168 -6.46 -1.41 -28.22
N LEU B 169 -7.32 -0.53 -28.69
CA LEU B 169 -8.10 -0.85 -29.88
C LEU B 169 -7.22 -0.73 -31.12
N PRO B 170 -7.64 -1.31 -32.25
CA PRO B 170 -6.85 -1.14 -33.49
C PRO B 170 -6.69 0.31 -33.90
N ARG B 171 -5.45 0.68 -34.19
CA ARG B 171 -5.12 2.09 -34.32
C ARG B 171 -5.60 2.65 -35.65
N SER B 172 -5.71 1.81 -36.68
CA SER B 172 -6.28 2.23 -37.96
C SER B 172 -7.81 2.24 -37.86
N LEU B 173 -8.30 3.19 -37.06
CA LEU B 173 -9.70 3.34 -36.69
C LEU B 173 -9.87 4.71 -36.06
N THR B 174 -10.84 5.49 -36.51
CA THR B 174 -10.90 6.88 -36.12
C THR B 174 -11.34 7.06 -34.68
N ARG B 175 -10.76 8.07 -34.04
CA ARG B 175 -11.28 8.54 -32.76
C ARG B 175 -12.65 9.16 -33.01
N ASP B 176 -13.54 8.98 -32.04
CA ASP B 176 -15.01 9.09 -31.92
C ASP B 176 -15.68 7.83 -32.42
N VAL B 177 -14.93 6.85 -32.90
CA VAL B 177 -15.39 5.47 -32.92
C VAL B 177 -14.79 4.65 -31.79
N LYS B 178 -13.55 4.95 -31.39
CA LYS B 178 -12.99 4.40 -30.17
C LYS B 178 -13.70 4.89 -28.92
N LEU B 179 -14.35 6.04 -28.98
CA LEU B 179 -15.12 6.54 -27.85
C LEU B 179 -16.55 6.05 -27.85
N ARG B 180 -17.08 5.63 -28.99
CA ARG B 180 -18.35 4.95 -29.03
C ARG B 180 -18.20 3.45 -28.88
N ALA B 181 -17.00 2.96 -28.67
CA ALA B 181 -16.78 1.60 -28.20
C ALA B 181 -16.62 1.53 -26.70
N ALA B 182 -16.12 2.60 -26.08
CA ALA B 182 -15.94 2.62 -24.64
C ALA B 182 -17.24 2.86 -23.91
N GLU B 183 -18.23 3.47 -24.55
CA GLU B 183 -19.49 3.78 -23.89
C GLU B 183 -20.64 2.93 -24.38
N SER B 184 -20.37 1.94 -25.23
CA SER B 184 -21.31 0.88 -25.47
C SER B 184 -20.99 -0.35 -24.63
N VAL B 185 -19.85 -0.34 -23.95
CA VAL B 185 -19.52 -1.34 -22.94
C VAL B 185 -20.08 -0.93 -21.59
N ILE B 186 -20.08 0.37 -21.29
CA ILE B 186 -20.73 0.91 -20.10
C ILE B 186 -22.22 0.60 -20.10
N SER B 187 -22.86 0.69 -21.25
CA SER B 187 -24.28 0.38 -21.28
C SER B 187 -24.57 -1.12 -21.36
N GLU B 188 -23.58 -1.97 -21.64
CA GLU B 188 -23.79 -3.41 -21.55
C GLU B 188 -23.58 -3.97 -20.16
N LEU B 189 -22.79 -3.31 -19.34
CA LEU B 189 -22.56 -3.78 -17.99
C LEU B 189 -23.36 -3.01 -16.95
N GLY B 190 -24.17 -2.06 -17.39
CA GLY B 190 -25.01 -1.32 -16.47
C GLY B 190 -24.27 -0.31 -15.62
N LEU B 191 -23.21 0.28 -16.15
CA LEU B 191 -22.40 1.21 -15.40
C LEU B 191 -22.77 2.66 -15.66
N THR B 192 -23.96 2.92 -16.19
CA THR B 192 -24.34 4.27 -16.58
C THR B 192 -25.05 5.03 -15.48
N LYS B 193 -24.58 4.90 -14.26
CA LYS B 193 -24.99 5.75 -13.15
C LYS B 193 -23.81 6.24 -12.37
N CYS B 194 -22.69 5.56 -12.44
CA CYS B 194 -21.50 5.86 -11.67
C CYS B 194 -20.33 6.20 -12.58
N GLU B 195 -20.61 6.57 -13.83
CA GLU B 195 -19.53 6.81 -14.77
C GLU B 195 -18.78 8.09 -14.50
N ASN B 196 -19.41 9.05 -13.82
CA ASN B 196 -18.77 10.29 -13.45
C ASN B 196 -18.28 10.26 -12.02
N THR B 197 -18.37 9.11 -11.36
CA THR B 197 -17.93 8.92 -10.00
C THR B 197 -16.51 8.39 -10.01
N VAL B 198 -15.67 8.89 -9.11
CA VAL B 198 -14.28 8.48 -9.08
C VAL B 198 -14.17 7.06 -8.54
N VAL B 199 -13.33 6.26 -9.17
CA VAL B 199 -12.91 4.99 -8.59
C VAL B 199 -12.10 5.32 -7.35
N GLY B 200 -12.35 4.62 -6.25
CA GLY B 200 -11.72 4.94 -5.00
C GLY B 200 -10.61 3.99 -4.62
N ASN B 201 -10.30 3.96 -3.33
CA ASN B 201 -9.49 2.92 -2.71
C ASN B 201 -9.99 2.76 -1.27
N THR B 202 -9.13 2.24 -0.40
CA THR B 202 -9.53 2.06 0.99
C THR B 202 -9.64 3.38 1.74
N PHE B 203 -8.91 4.40 1.30
CA PHE B 203 -8.93 5.69 1.98
C PHE B 203 -9.78 6.73 1.28
N ILE B 204 -10.01 6.57 -0.02
CA ILE B 204 -10.89 7.44 -0.79
C ILE B 204 -12.17 6.67 -1.07
N ARG B 205 -13.30 7.14 -0.57
CA ARG B 205 -14.54 6.43 -0.81
C ARG B 205 -15.09 6.78 -2.19
N GLY B 206 -15.29 5.75 -3.01
CA GLY B 206 -15.77 5.91 -4.37
C GLY B 206 -16.88 4.97 -4.74
N ILE B 207 -16.71 4.18 -5.79
CA ILE B 207 -17.74 3.27 -6.30
C ILE B 207 -17.86 2.03 -5.42
N SER B 208 -18.90 1.24 -5.67
CA SER B 208 -19.21 0.05 -4.89
C SER B 208 -18.22 -1.06 -5.18
N GLY B 209 -18.42 -2.19 -4.52
CA GLY B 209 -17.61 -3.37 -4.76
C GLY B 209 -18.12 -4.17 -5.94
N GLY B 210 -19.41 -4.11 -6.19
CA GLY B 210 -19.98 -4.76 -7.36
C GLY B 210 -19.90 -3.93 -8.61
N GLU B 211 -19.68 -2.63 -8.47
CA GLU B 211 -19.38 -1.77 -9.61
C GLU B 211 -17.90 -1.80 -9.94
N ARG B 212 -17.05 -1.99 -8.94
CA ARG B 212 -15.62 -2.16 -9.18
C ARG B 212 -15.32 -3.46 -9.89
N LYS B 213 -16.11 -4.50 -9.65
CA LYS B 213 -15.92 -5.78 -10.33
C LYS B 213 -16.23 -5.67 -11.81
N ARG B 214 -17.25 -4.90 -12.17
CA ARG B 214 -17.65 -4.78 -13.57
C ARG B 214 -16.80 -3.79 -14.35
N VAL B 215 -16.09 -2.89 -13.68
CA VAL B 215 -15.11 -2.05 -14.37
C VAL B 215 -13.93 -2.89 -14.80
N SER B 216 -13.55 -3.89 -14.00
CA SER B 216 -12.43 -4.76 -14.35
C SER B 216 -12.77 -5.74 -15.47
N ILE B 217 -14.03 -6.10 -15.61
CA ILE B 217 -14.43 -6.97 -16.72
C ILE B 217 -14.52 -6.17 -18.01
N ALA B 218 -14.99 -4.92 -17.93
CA ALA B 218 -14.97 -4.00 -19.06
C ALA B 218 -13.56 -3.64 -19.48
N HIS B 219 -12.62 -3.69 -18.56
CA HIS B 219 -11.23 -3.39 -18.82
C HIS B 219 -10.59 -4.42 -19.73
N GLU B 220 -11.15 -5.61 -19.80
CA GLU B 220 -10.64 -6.68 -20.62
C GLU B 220 -11.55 -6.99 -21.78
N LEU B 221 -12.75 -6.45 -21.76
CA LEU B 221 -13.70 -6.64 -22.84
C LEU B 221 -13.51 -5.60 -23.93
N LEU B 222 -12.63 -4.62 -23.71
CA LEU B 222 -12.23 -3.61 -24.68
C LEU B 222 -10.90 -3.93 -25.36
N ILE B 223 -10.31 -5.07 -25.07
CA ILE B 223 -9.11 -5.51 -25.74
C ILE B 223 -9.46 -6.46 -26.89
N ASN B 224 -10.67 -7.00 -26.89
CA ASN B 224 -11.21 -8.03 -27.78
C ASN B 224 -10.28 -9.24 -27.79
N PRO B 225 -10.24 -10.04 -26.72
CA PRO B 225 -9.27 -11.13 -26.65
C PRO B 225 -9.71 -12.29 -27.54
N SER B 226 -8.84 -13.29 -27.62
CA SER B 226 -9.20 -14.54 -28.25
C SER B 226 -9.36 -15.67 -27.25
N LEU B 227 -8.71 -15.56 -26.09
CA LEU B 227 -8.89 -16.45 -24.95
C LEU B 227 -9.19 -15.57 -23.76
N LEU B 228 -10.34 -15.78 -23.13
CA LEU B 228 -10.75 -14.96 -22.00
C LEU B 228 -10.81 -15.85 -20.76
N VAL B 229 -9.93 -15.59 -19.80
CA VAL B 229 -9.82 -16.36 -18.56
C VAL B 229 -10.27 -15.48 -17.42
N LEU B 230 -11.31 -15.88 -16.71
CA LEU B 230 -11.86 -15.07 -15.63
C LEU B 230 -11.85 -15.86 -14.34
N ASP B 231 -11.62 -15.18 -13.24
CA ASP B 231 -11.49 -15.81 -11.94
C ASP B 231 -12.57 -15.24 -11.03
N GLN B 232 -13.67 -15.97 -10.90
CA GLN B 232 -14.88 -15.64 -10.16
C GLN B 232 -15.46 -14.28 -10.54
N PRO B 233 -16.07 -14.14 -11.72
CA PRO B 233 -16.52 -12.81 -12.14
C PRO B 233 -17.87 -12.39 -11.56
N THR B 234 -18.61 -13.27 -10.89
CA THR B 234 -19.94 -12.96 -10.41
C THR B 234 -20.02 -12.86 -8.89
N SER B 235 -18.91 -12.68 -8.21
CA SER B 235 -18.91 -12.56 -6.75
C SER B 235 -18.99 -11.10 -6.36
N GLY B 236 -20.04 -10.75 -5.63
CA GLY B 236 -20.36 -9.37 -5.37
C GLY B 236 -21.43 -8.81 -6.26
N LEU B 237 -22.06 -9.64 -7.07
CA LEU B 237 -23.14 -9.21 -7.93
C LEU B 237 -24.43 -9.91 -7.49
N ASP B 238 -25.55 -9.24 -7.66
CA ASP B 238 -26.82 -9.80 -7.23
C ASP B 238 -27.31 -10.84 -8.21
N ALA B 239 -28.52 -11.33 -8.01
CA ALA B 239 -29.00 -12.46 -8.78
C ALA B 239 -29.38 -12.09 -10.20
N THR B 240 -29.66 -10.82 -10.48
CA THR B 240 -30.04 -10.40 -11.81
C THR B 240 -28.85 -9.92 -12.62
N ALA B 241 -27.89 -9.25 -11.98
CA ALA B 241 -26.67 -8.88 -12.70
C ALA B 241 -25.78 -10.07 -12.97
N ALA B 242 -25.86 -11.13 -12.19
CA ALA B 242 -25.06 -12.30 -12.47
C ALA B 242 -25.62 -13.15 -13.60
N LEU B 243 -26.92 -13.06 -13.86
CA LEU B 243 -27.49 -13.78 -15.00
C LEU B 243 -27.14 -13.06 -16.30
N ARG B 244 -27.17 -11.73 -16.30
CA ARG B 244 -26.87 -10.97 -17.49
C ARG B 244 -25.40 -11.03 -17.87
N LEU B 245 -24.51 -11.17 -16.90
CA LEU B 245 -23.09 -11.25 -17.22
C LEU B 245 -22.74 -12.59 -17.83
N VAL B 246 -23.34 -13.67 -17.33
CA VAL B 246 -23.17 -14.99 -17.92
C VAL B 246 -23.81 -15.05 -19.30
N GLN B 247 -24.92 -14.34 -19.51
CA GLN B 247 -25.50 -14.26 -20.84
C GLN B 247 -24.68 -13.41 -21.79
N THR B 248 -23.84 -12.51 -21.29
CA THR B 248 -22.91 -11.78 -22.15
C THR B 248 -21.74 -12.67 -22.57
N LEU B 249 -21.15 -13.38 -21.62
CA LEU B 249 -20.03 -14.26 -21.89
C LEU B 249 -20.41 -15.47 -22.73
N ALA B 250 -21.67 -15.89 -22.69
CA ALA B 250 -22.13 -16.95 -23.57
C ALA B 250 -22.38 -16.45 -24.98
N GLY B 251 -22.59 -15.16 -25.18
CA GLY B 251 -22.67 -14.62 -26.52
C GLY B 251 -21.34 -14.38 -27.18
N LEU B 252 -20.27 -14.24 -26.40
CA LEU B 252 -18.94 -14.15 -26.97
C LEU B 252 -18.47 -15.50 -27.48
N ALA B 253 -18.81 -16.56 -26.75
CA ALA B 253 -18.36 -17.89 -27.11
C ALA B 253 -19.19 -18.48 -28.23
N HIS B 254 -20.49 -18.22 -28.23
CA HIS B 254 -21.37 -18.84 -29.22
C HIS B 254 -21.67 -17.94 -30.40
N GLY B 255 -21.42 -16.65 -30.28
CA GLY B 255 -21.74 -15.72 -31.35
C GLY B 255 -20.53 -15.14 -32.03
N LYS B 256 -19.36 -15.29 -31.42
CA LYS B 256 -18.13 -14.81 -32.02
C LYS B 256 -17.04 -15.85 -32.13
N GLY B 257 -17.21 -17.02 -31.54
CA GLY B 257 -16.24 -18.08 -31.64
C GLY B 257 -15.00 -17.86 -30.80
N LYS B 258 -15.17 -17.50 -29.55
CA LYS B 258 -14.03 -17.34 -28.66
C LYS B 258 -13.96 -18.51 -27.70
N THR B 259 -12.95 -18.48 -26.84
CA THR B 259 -12.66 -19.53 -25.87
C THR B 259 -12.71 -18.88 -24.50
N VAL B 260 -13.72 -19.18 -23.72
CA VAL B 260 -13.94 -18.56 -22.41
C VAL B 260 -13.78 -19.62 -21.34
N VAL B 261 -12.91 -19.37 -20.36
CA VAL B 261 -12.73 -20.25 -19.21
C VAL B 261 -13.01 -19.44 -17.96
N THR B 262 -13.88 -19.93 -17.09
CA THR B 262 -14.23 -19.17 -15.90
C THR B 262 -14.42 -20.12 -14.73
N SER B 263 -14.15 -19.63 -13.53
CA SER B 263 -14.48 -20.32 -12.31
C SER B 263 -15.61 -19.57 -11.63
N ILE B 264 -16.47 -20.29 -10.91
CA ILE B 264 -17.73 -19.73 -10.46
C ILE B 264 -18.16 -20.47 -9.20
N HIS B 265 -18.78 -19.75 -8.25
CA HIS B 265 -19.09 -20.38 -6.97
C HIS B 265 -20.54 -20.81 -6.76
N GLN B 266 -21.51 -19.90 -6.81
CA GLN B 266 -22.87 -20.29 -6.46
C GLN B 266 -23.85 -20.01 -7.60
N PRO B 267 -23.77 -20.74 -8.70
CA PRO B 267 -24.69 -20.47 -9.80
C PRO B 267 -26.06 -21.03 -9.50
N SER B 268 -27.07 -20.41 -10.09
CA SER B 268 -28.43 -20.90 -9.95
C SER B 268 -28.67 -21.99 -10.97
N SER B 269 -29.90 -22.48 -11.07
CA SER B 269 -30.19 -23.54 -12.01
C SER B 269 -30.27 -23.03 -13.43
N ARG B 270 -30.42 -21.72 -13.62
CA ARG B 270 -30.46 -21.10 -14.93
C ARG B 270 -29.10 -20.67 -15.41
N VAL B 271 -28.21 -20.33 -14.49
CA VAL B 271 -26.83 -20.01 -14.87
C VAL B 271 -26.07 -21.27 -15.20
N PHE B 272 -26.35 -22.37 -14.51
CA PHE B 272 -25.69 -23.64 -14.75
C PHE B 272 -26.06 -24.25 -16.10
N GLN B 273 -27.20 -23.89 -16.68
CA GLN B 273 -27.60 -24.45 -17.96
C GLN B 273 -26.97 -23.72 -19.15
N MET B 274 -26.08 -22.77 -18.93
CA MET B 274 -25.45 -22.05 -20.02
C MET B 274 -24.02 -22.46 -20.27
N PHE B 275 -23.49 -23.41 -19.50
CA PHE B 275 -22.13 -23.87 -19.68
C PHE B 275 -22.12 -25.08 -20.59
N ASP B 276 -21.14 -25.14 -21.48
CA ASP B 276 -20.99 -26.28 -22.36
C ASP B 276 -20.17 -27.40 -21.75
N THR B 277 -19.33 -27.10 -20.77
CA THR B 277 -18.35 -28.02 -20.26
C THR B 277 -18.11 -27.67 -18.81
N VAL B 278 -18.01 -28.68 -17.96
CA VAL B 278 -17.81 -28.49 -16.52
C VAL B 278 -16.53 -29.20 -16.14
N LEU B 279 -15.69 -28.53 -15.35
CA LEU B 279 -14.59 -29.15 -14.64
C LEU B 279 -14.89 -29.10 -13.15
N LEU B 280 -14.76 -30.22 -12.46
CA LEU B 280 -15.10 -30.31 -11.05
C LEU B 280 -13.85 -30.76 -10.29
N LEU B 281 -13.25 -29.86 -9.53
CA LEU B 281 -12.10 -30.19 -8.70
C LEU B 281 -12.53 -30.58 -7.30
N SER B 282 -11.65 -31.30 -6.61
CA SER B 282 -11.84 -31.64 -5.20
C SER B 282 -10.47 -31.90 -4.59
N GLU B 283 -9.92 -30.89 -3.93
CA GLU B 283 -8.58 -30.91 -3.34
C GLU B 283 -7.52 -31.29 -4.36
N GLY B 284 -7.53 -30.60 -5.49
CA GLY B 284 -6.49 -30.75 -6.46
C GLY B 284 -6.63 -31.91 -7.42
N LYS B 285 -7.69 -32.70 -7.35
CA LYS B 285 -7.89 -33.79 -8.29
C LYS B 285 -9.28 -33.68 -8.88
N CYS B 286 -9.37 -33.77 -10.20
CA CYS B 286 -10.64 -33.61 -10.89
C CYS B 286 -11.50 -34.86 -10.76
N LEU B 287 -12.81 -34.64 -10.58
CA LEU B 287 -13.80 -35.70 -10.46
C LEU B 287 -14.70 -35.86 -11.67
N PHE B 288 -14.77 -34.87 -12.55
CA PHE B 288 -15.60 -34.94 -13.74
C PHE B 288 -15.11 -33.94 -14.74
N VAL B 289 -14.91 -34.37 -15.98
CA VAL B 289 -14.66 -33.49 -17.12
C VAL B 289 -15.61 -33.91 -18.23
N GLY B 290 -16.41 -32.97 -18.72
CA GLY B 290 -17.35 -33.29 -19.76
C GLY B 290 -18.47 -32.28 -19.80
N LYS B 291 -19.50 -32.61 -20.58
CA LYS B 291 -20.60 -31.70 -20.79
C LYS B 291 -21.47 -31.59 -19.54
N GLY B 292 -22.02 -30.39 -19.33
CA GLY B 292 -22.77 -30.11 -18.12
C GLY B 292 -24.12 -30.81 -18.05
N ARG B 293 -24.68 -31.19 -19.19
CA ARG B 293 -25.92 -31.93 -19.23
C ARG B 293 -25.69 -33.45 -19.17
N ASP B 294 -24.48 -33.89 -18.86
CA ASP B 294 -24.21 -35.30 -18.59
C ASP B 294 -23.76 -35.53 -17.17
N ALA B 295 -23.69 -34.50 -16.33
CA ALA B 295 -23.08 -34.63 -15.02
C ALA B 295 -23.97 -35.39 -14.05
N MET B 296 -25.26 -35.11 -14.05
CA MET B 296 -26.16 -35.78 -13.12
C MET B 296 -26.41 -37.23 -13.52
N ALA B 297 -26.36 -37.52 -14.81
CA ALA B 297 -26.55 -38.88 -15.30
C ALA B 297 -25.29 -39.71 -15.20
N TYR B 298 -24.14 -39.09 -14.97
CA TYR B 298 -22.91 -39.83 -14.74
C TYR B 298 -22.85 -40.36 -13.31
N PHE B 299 -23.13 -39.50 -12.33
CA PHE B 299 -22.99 -39.93 -10.94
C PHE B 299 -24.10 -40.87 -10.51
N GLU B 300 -25.20 -40.93 -11.24
CA GLU B 300 -26.22 -41.93 -10.97
C GLU B 300 -25.70 -43.32 -11.27
N SER B 301 -24.94 -43.46 -12.35
CA SER B 301 -24.39 -44.75 -12.77
C SER B 301 -23.20 -45.19 -11.94
N VAL B 302 -22.82 -44.42 -10.93
CA VAL B 302 -21.76 -44.81 -10.00
C VAL B 302 -22.42 -45.08 -8.64
N GLY B 303 -23.55 -44.42 -8.37
CA GLY B 303 -24.31 -44.75 -7.19
C GLY B 303 -24.85 -43.59 -6.38
N PHE B 304 -24.72 -42.38 -6.88
CA PHE B 304 -25.10 -41.17 -6.15
C PHE B 304 -26.21 -40.46 -6.90
N SER B 305 -27.26 -40.09 -6.18
CA SER B 305 -28.40 -39.40 -6.77
C SER B 305 -29.09 -38.59 -5.68
N PRO B 306 -29.65 -37.43 -6.01
CA PRO B 306 -30.27 -36.60 -4.97
C PRO B 306 -31.58 -37.19 -4.46
N ALA B 307 -31.82 -37.02 -3.17
CA ALA B 307 -33.03 -37.56 -2.57
C ALA B 307 -34.25 -36.74 -2.97
N PHE B 308 -34.23 -35.45 -2.67
CA PHE B 308 -35.22 -34.50 -3.10
C PHE B 308 -34.68 -33.72 -4.30
N PRO B 309 -35.53 -33.32 -5.25
CA PRO B 309 -35.03 -32.62 -6.44
C PRO B 309 -34.53 -31.22 -6.09
N MET B 310 -33.42 -30.84 -6.70
CA MET B 310 -32.67 -29.68 -6.22
C MET B 310 -31.86 -29.11 -7.36
N ASN B 311 -31.04 -28.11 -7.04
CA ASN B 311 -30.13 -27.50 -7.99
C ASN B 311 -29.01 -28.49 -8.33
N PRO B 312 -28.72 -28.74 -9.61
CA PRO B 312 -27.61 -29.64 -9.94
C PRO B 312 -26.24 -29.13 -9.56
N ALA B 313 -26.06 -27.82 -9.43
CA ALA B 313 -24.80 -27.29 -8.97
C ALA B 313 -24.67 -27.34 -7.45
N ASP B 314 -25.77 -27.52 -6.73
CA ASP B 314 -25.70 -27.78 -5.30
C ASP B 314 -25.38 -29.23 -5.00
N PHE B 315 -25.84 -30.14 -5.87
CA PHE B 315 -25.58 -31.56 -5.67
C PHE B 315 -24.14 -31.91 -5.98
N LEU B 316 -23.55 -31.26 -6.98
CA LEU B 316 -22.16 -31.56 -7.32
C LEU B 316 -21.17 -31.01 -6.33
N LEU B 317 -21.55 -30.00 -5.55
CA LEU B 317 -20.65 -29.50 -4.52
C LEU B 317 -20.75 -30.29 -3.23
N ASP B 318 -21.84 -31.01 -3.00
CA ASP B 318 -21.88 -31.97 -1.91
C ASP B 318 -20.98 -33.16 -2.17
N LEU B 319 -20.90 -33.61 -3.42
CA LEU B 319 -20.02 -34.72 -3.75
C LEU B 319 -18.56 -34.33 -3.64
N ALA B 320 -18.21 -33.09 -3.93
CA ALA B 320 -16.84 -32.64 -3.84
C ALA B 320 -16.41 -32.41 -2.40
N ASN B 321 -17.33 -32.02 -1.52
CA ASN B 321 -17.04 -31.95 -0.11
C ASN B 321 -17.16 -33.30 0.59
N GLY B 322 -17.72 -34.30 -0.06
CA GLY B 322 -17.87 -35.60 0.56
C GLY B 322 -18.99 -35.70 1.56
N VAL B 323 -20.03 -34.87 1.45
CA VAL B 323 -21.10 -34.80 2.43
C VAL B 323 -22.42 -35.14 1.76
N CYS B 324 -22.35 -35.91 0.69
CA CYS B 324 -23.52 -36.24 -0.10
C CYS B 324 -24.21 -37.52 0.38
N GLN B 325 -23.62 -38.22 1.35
CA GLN B 325 -24.07 -39.49 1.96
C GLN B 325 -24.67 -40.52 1.00
N ASN B 336 -16.38 -43.35 2.62
CA ASN B 336 -15.51 -42.67 1.68
C ASN B 336 -16.26 -42.27 0.42
N VAL B 337 -16.83 -41.07 0.43
CA VAL B 337 -17.53 -40.58 -0.75
C VAL B 337 -16.54 -40.00 -1.75
N ARG B 338 -15.53 -39.27 -1.26
CA ARG B 338 -14.59 -38.61 -2.16
C ARG B 338 -13.67 -39.62 -2.84
N GLN B 339 -13.09 -40.53 -2.06
CA GLN B 339 -12.13 -41.48 -2.62
C GLN B 339 -12.81 -42.55 -3.48
N THR B 340 -14.10 -42.76 -3.31
CA THR B 340 -14.86 -43.57 -4.26
C THR B 340 -14.91 -42.89 -5.62
N LEU B 341 -15.16 -41.59 -5.63
CA LEU B 341 -15.34 -40.84 -6.87
C LEU B 341 -14.03 -40.50 -7.57
N VAL B 342 -12.90 -40.61 -6.89
CA VAL B 342 -11.62 -40.37 -7.53
C VAL B 342 -11.19 -41.59 -8.33
N THR B 343 -11.27 -42.78 -7.73
CA THR B 343 -10.91 -43.99 -8.46
C THR B 343 -11.99 -44.43 -9.45
N ALA B 344 -13.21 -43.92 -9.31
CA ALA B 344 -14.22 -44.17 -10.33
C ALA B 344 -14.05 -43.25 -11.52
N TYR B 345 -13.33 -42.15 -11.36
CA TYR B 345 -13.03 -41.29 -12.50
C TYR B 345 -11.85 -41.81 -13.29
N ASP B 346 -10.86 -42.40 -12.63
CA ASP B 346 -9.64 -42.85 -13.28
C ASP B 346 -9.78 -44.17 -14.01
N THR B 347 -10.95 -44.79 -13.97
CA THR B 347 -11.18 -46.01 -14.74
C THR B 347 -12.29 -45.87 -15.76
N LEU B 348 -13.14 -44.86 -15.64
CA LEU B 348 -14.30 -44.73 -16.51
C LEU B 348 -14.18 -43.58 -17.50
N LEU B 349 -13.75 -42.41 -17.05
CA LEU B 349 -13.68 -41.25 -17.91
C LEU B 349 -12.28 -40.76 -18.21
N ALA B 350 -11.35 -40.90 -17.28
CA ALA B 350 -9.99 -40.41 -17.47
C ALA B 350 -9.19 -41.02 -18.61
N PRO B 351 -9.33 -42.31 -18.99
CA PRO B 351 -8.61 -42.75 -20.20
C PRO B 351 -9.16 -42.17 -21.50
N GLN B 352 -10.46 -41.91 -21.58
CA GLN B 352 -11.04 -41.43 -22.82
C GLN B 352 -10.83 -39.94 -23.05
N VAL B 353 -10.25 -39.24 -22.10
CA VAL B 353 -9.88 -37.84 -22.31
C VAL B 353 -8.53 -37.75 -23.00
N LYS B 354 -7.55 -38.54 -22.56
CA LYS B 354 -6.24 -38.49 -23.19
C LYS B 354 -6.20 -39.15 -24.56
N THR B 355 -7.20 -39.96 -24.90
CA THR B 355 -7.32 -40.40 -26.29
C THR B 355 -7.81 -39.26 -27.17
N CYS B 356 -8.68 -38.40 -26.62
CA CYS B 356 -9.13 -37.22 -27.36
C CYS B 356 -8.04 -36.17 -27.50
N ILE B 357 -7.05 -36.16 -26.61
CA ILE B 357 -5.89 -35.27 -26.78
C ILE B 357 -4.87 -36.06 -27.59
N GLU B 358 -5.11 -36.12 -28.89
CA GLU B 358 -4.09 -36.47 -29.87
C GLU B 358 -4.11 -35.60 -31.13
N VAL B 359 -5.25 -35.09 -31.56
CA VAL B 359 -5.39 -34.34 -32.80
C VAL B 359 -5.97 -32.96 -32.57
N SER B 360 -7.07 -32.88 -31.81
CA SER B 360 -7.85 -31.67 -31.60
C SER B 360 -7.07 -30.58 -30.85
N ILE B 379 8.51 2.73 -40.29
CA ILE B 379 8.32 3.99 -41.00
C ILE B 379 7.67 5.02 -40.09
N THR B 380 7.09 6.06 -40.70
CA THR B 380 6.56 7.18 -39.93
C THR B 380 5.26 6.85 -39.23
N THR B 381 4.61 5.73 -39.55
CA THR B 381 3.44 5.28 -38.80
C THR B 381 3.83 4.41 -37.62
N CYS B 382 5.11 4.08 -37.48
CA CYS B 382 5.61 3.43 -36.28
C CYS B 382 6.13 4.43 -35.27
N ILE B 383 6.66 5.57 -35.72
CA ILE B 383 6.86 6.68 -34.80
C ILE B 383 5.64 7.58 -34.89
N ALA B 384 4.48 7.07 -34.49
CA ALA B 384 3.34 7.90 -34.11
C ALA B 384 2.61 7.14 -33.02
N THR B 385 2.81 5.83 -33.04
CA THR B 385 2.31 4.95 -32.01
C THR B 385 3.16 5.06 -30.75
N TRP B 386 4.44 5.40 -30.89
CA TRP B 386 5.23 5.67 -29.71
C TRP B 386 4.79 6.97 -29.05
N PHE B 387 4.51 7.99 -29.85
CA PHE B 387 4.20 9.31 -29.32
C PHE B 387 2.78 9.41 -28.79
N SER B 388 1.82 8.72 -29.41
CA SER B 388 0.46 8.80 -28.89
C SER B 388 0.31 8.02 -27.60
N GLN B 389 1.09 6.96 -27.41
CA GLN B 389 1.14 6.30 -26.12
C GLN B 389 1.80 7.17 -25.05
N LEU B 390 2.73 8.05 -25.45
CA LEU B 390 3.35 8.96 -24.51
C LEU B 390 2.39 10.04 -24.06
N CYS B 391 1.55 10.54 -24.96
CA CYS B 391 0.62 11.60 -24.62
C CYS B 391 -0.52 11.11 -23.72
N ILE B 392 -0.97 9.87 -23.92
CA ILE B 392 -2.01 9.30 -23.07
C ILE B 392 -1.46 9.02 -21.68
N LEU B 393 -0.24 8.55 -21.60
CA LEU B 393 0.37 8.25 -20.31
C LEU B 393 0.80 9.50 -19.55
N LEU B 394 1.03 10.63 -20.22
CA LEU B 394 1.25 11.88 -19.50
C LEU B 394 -0.01 12.38 -18.84
N HIS B 395 -1.10 12.51 -19.60
CA HIS B 395 -2.31 13.11 -19.07
C HIS B 395 -2.99 12.23 -18.05
N ARG B 396 -2.74 10.93 -18.10
CA ARG B 396 -3.22 10.02 -17.07
C ARG B 396 -2.46 10.21 -15.77
N LEU B 397 -1.20 10.59 -15.82
CA LEU B 397 -0.48 10.82 -14.57
C LEU B 397 -0.47 12.27 -14.13
N LEU B 398 -0.88 13.20 -14.99
CA LEU B 398 -1.03 14.57 -14.53
C LEU B 398 -2.31 14.77 -13.74
N LYS B 399 -3.33 13.97 -13.99
CA LYS B 399 -4.57 14.08 -13.23
C LYS B 399 -4.67 13.04 -12.14
N GLU B 400 -3.62 12.28 -11.90
CA GLU B 400 -3.47 11.61 -10.61
C GLU B 400 -2.93 12.55 -9.55
N ARG B 401 -2.05 13.48 -9.95
CA ARG B 401 -1.46 14.43 -9.03
C ARG B 401 -2.20 15.76 -9.02
N ARG B 402 -3.41 15.80 -9.57
CA ARG B 402 -4.14 17.06 -9.59
C ARG B 402 -4.63 17.41 -8.19
N HIS B 403 -5.45 16.56 -7.62
CA HIS B 403 -5.70 16.59 -6.19
C HIS B 403 -4.91 15.48 -5.51
N GLU B 404 -4.64 15.67 -4.21
CA GLU B 404 -3.64 15.07 -3.29
C GLU B 404 -2.30 15.81 -3.48
N SER B 405 -2.24 16.78 -4.38
CA SER B 405 -1.01 17.51 -4.66
C SER B 405 -1.40 18.93 -5.09
N PHE B 406 -0.54 19.57 -5.89
CA PHE B 406 -0.42 21.03 -6.02
C PHE B 406 -0.16 21.62 -4.63
N ASP B 407 0.99 21.24 -4.09
CA ASP B 407 1.37 21.60 -2.75
C ASP B 407 2.03 22.96 -2.74
N LEU B 408 1.38 23.90 -2.05
CA LEU B 408 2.02 25.11 -1.58
C LEU B 408 2.85 24.86 -0.34
N LEU B 409 2.74 23.68 0.25
CA LEU B 409 3.52 23.35 1.43
C LEU B 409 4.97 23.08 1.08
N ARG B 410 5.23 22.49 -0.09
CA ARG B 410 6.60 22.27 -0.50
C ARG B 410 7.28 23.56 -0.92
N ILE B 411 6.53 24.52 -1.45
CA ILE B 411 7.17 25.74 -1.91
C ILE B 411 7.27 26.78 -0.79
N PHE B 412 6.37 26.76 0.20
CA PHE B 412 6.49 27.72 1.29
C PHE B 412 7.53 27.32 2.31
N GLN B 413 8.06 26.11 2.25
CA GLN B 413 9.09 25.67 3.16
C GLN B 413 10.48 25.79 2.57
N VAL B 414 10.62 25.60 1.26
CA VAL B 414 11.88 25.86 0.57
C VAL B 414 12.16 27.36 0.52
N VAL B 415 11.10 28.18 0.39
CA VAL B 415 11.28 29.63 0.38
C VAL B 415 11.73 30.13 1.74
N ALA B 416 11.20 29.55 2.82
CA ALA B 416 11.62 29.99 4.15
C ALA B 416 13.03 29.54 4.48
N ALA B 417 13.49 28.46 3.88
CA ALA B 417 14.87 28.02 4.04
C ALA B 417 15.85 28.85 3.25
N SER B 418 15.40 29.52 2.20
CA SER B 418 16.25 30.43 1.44
C SER B 418 16.34 31.79 2.09
N ILE B 419 15.29 32.23 2.76
CA ILE B 419 15.36 33.43 3.58
C ILE B 419 16.24 33.15 4.80
N LEU B 420 16.25 31.92 5.28
CA LEU B 420 17.05 31.58 6.45
C LEU B 420 18.54 31.53 6.12
N CYS B 421 18.90 31.01 4.94
CA CYS B 421 20.30 31.02 4.53
C CYS B 421 20.77 32.42 4.20
N GLY B 422 19.92 33.23 3.58
CA GLY B 422 20.30 34.56 3.19
C GLY B 422 20.45 35.50 4.34
N LEU B 423 19.88 35.18 5.49
CA LEU B 423 20.06 35.99 6.68
C LEU B 423 21.27 35.59 7.51
N MET B 424 21.66 34.30 7.48
CA MET B 424 22.89 33.89 8.17
C MET B 424 24.12 34.48 7.52
N TRP B 425 24.09 34.62 6.20
CA TRP B 425 25.19 35.21 5.46
C TRP B 425 24.90 36.62 4.98
N TRP B 426 23.89 37.28 5.54
CA TRP B 426 23.76 38.71 5.39
C TRP B 426 25.00 39.37 5.97
N HIS B 427 25.41 40.47 5.35
CA HIS B 427 26.68 41.18 5.61
C HIS B 427 27.88 40.23 5.76
N SER B 428 28.14 39.49 4.69
CA SER B 428 29.42 38.87 4.43
C SER B 428 30.02 39.55 3.20
N ASP B 429 31.35 39.60 3.15
CA ASP B 429 32.01 40.41 2.14
C ASP B 429 32.63 39.51 1.09
N TYR B 430 32.85 40.08 -0.10
CA TYR B 430 33.42 39.34 -1.22
C TYR B 430 34.87 38.94 -0.96
N ARG B 431 35.58 39.70 -0.13
CA ARG B 431 36.98 39.40 0.14
C ARG B 431 37.13 38.24 1.11
N ASP B 432 36.14 37.98 1.94
CA ASP B 432 36.22 36.89 2.89
C ASP B 432 35.96 35.59 2.14
N VAL B 433 37.03 34.97 1.66
CA VAL B 433 36.91 33.82 0.77
C VAL B 433 36.54 32.57 1.54
N HIS B 434 36.99 32.43 2.78
CA HIS B 434 36.73 31.21 3.55
C HIS B 434 35.27 31.08 3.94
N ASP B 435 34.55 32.20 4.08
CA ASP B 435 33.13 32.11 4.40
C ASP B 435 32.27 31.90 3.17
N ARG B 436 32.64 32.48 2.03
CA ARG B 436 31.83 32.33 0.84
C ARG B 436 31.92 30.92 0.28
N LEU B 437 33.00 30.20 0.53
CA LEU B 437 33.08 28.82 0.08
C LEU B 437 32.37 27.86 1.02
N GLY B 438 31.83 28.33 2.13
CA GLY B 438 31.00 27.52 2.99
C GLY B 438 29.54 27.75 2.71
N LEU B 439 29.22 28.91 2.15
CA LEU B 439 27.90 29.12 1.59
C LEU B 439 27.68 28.26 0.36
N LEU B 440 28.66 28.24 -0.53
CA LEU B 440 28.51 27.53 -1.78
C LEU B 440 28.52 26.03 -1.60
N PHE B 441 29.13 25.52 -0.54
CA PHE B 441 29.09 24.08 -0.30
C PHE B 441 27.81 23.65 0.40
N PHE B 442 27.16 24.54 1.14
CA PHE B 442 25.88 24.19 1.73
C PHE B 442 24.77 24.14 0.69
N ILE B 443 24.87 24.93 -0.38
CA ILE B 443 23.93 24.83 -1.48
C ILE B 443 24.10 23.51 -2.23
N SER B 444 25.33 22.99 -2.30
CA SER B 444 25.58 21.70 -2.90
C SER B 444 25.04 20.55 -2.04
N ILE B 445 25.07 20.69 -0.73
CA ILE B 445 24.49 19.68 0.15
C ILE B 445 22.97 19.71 0.04
N PHE B 446 22.38 20.91 0.05
CA PHE B 446 20.93 21.07 0.09
C PHE B 446 20.28 20.51 -1.16
N TRP B 447 20.85 20.78 -2.33
CA TRP B 447 20.24 20.40 -3.58
C TRP B 447 20.80 19.10 -4.15
N GLY B 448 21.47 18.31 -3.33
CA GLY B 448 21.79 16.97 -3.73
C GLY B 448 20.96 16.03 -2.90
N VAL B 449 20.73 16.42 -1.66
CA VAL B 449 19.99 15.61 -0.71
C VAL B 449 18.49 15.70 -0.96
N LEU B 450 18.00 16.87 -1.33
CA LEU B 450 16.56 17.07 -1.46
C LEU B 450 15.98 16.46 -2.74
N PRO B 451 16.56 16.59 -3.94
CA PRO B 451 15.97 15.89 -5.08
C PRO B 451 16.11 14.39 -5.03
N SER B 452 17.20 13.89 -4.46
CA SER B 452 17.53 12.49 -4.53
C SER B 452 16.67 11.66 -3.59
N PHE B 453 16.26 12.25 -2.48
CA PHE B 453 15.55 11.47 -1.47
C PHE B 453 14.07 11.43 -1.78
N ASN B 454 13.60 12.39 -2.55
CA ASN B 454 12.21 12.48 -2.94
C ASN B 454 11.92 11.56 -4.11
N ALA B 455 12.91 11.31 -4.95
CA ALA B 455 12.73 10.56 -6.16
C ALA B 455 12.76 9.07 -5.93
N VAL B 456 12.94 8.63 -4.69
CA VAL B 456 13.04 7.21 -4.41
C VAL B 456 11.67 6.59 -4.22
N PHE B 457 10.61 7.39 -4.28
CA PHE B 457 9.22 6.99 -4.14
C PHE B 457 8.51 6.82 -5.47
N THR B 458 9.16 7.13 -6.59
CA THR B 458 8.45 7.27 -7.85
C THR B 458 8.01 5.92 -8.40
N PHE B 459 8.94 5.03 -8.62
CA PHE B 459 8.57 3.70 -9.10
C PHE B 459 8.07 2.73 -8.03
N PRO B 460 8.57 2.69 -6.78
CA PRO B 460 7.96 1.80 -5.80
C PRO B 460 6.51 2.06 -5.47
N GLN B 461 5.99 3.26 -5.67
CA GLN B 461 4.58 3.53 -5.44
C GLN B 461 3.69 3.16 -6.60
N GLU B 462 4.23 2.53 -7.63
CA GLU B 462 3.43 2.09 -8.77
C GLU B 462 3.49 0.58 -8.95
N ARG B 463 3.93 -0.16 -7.93
CA ARG B 463 4.44 -1.52 -8.13
C ARG B 463 3.35 -2.51 -8.48
N ALA B 464 2.18 -2.40 -7.87
CA ALA B 464 1.14 -3.39 -8.10
C ALA B 464 0.43 -3.17 -9.43
N ILE B 465 0.37 -1.94 -9.90
CA ILE B 465 -0.38 -1.63 -11.12
C ILE B 465 0.53 -1.70 -12.34
N PHE B 466 1.81 -1.32 -12.18
CA PHE B 466 2.79 -1.54 -13.24
C PHE B 466 2.98 -3.00 -13.55
N THR B 467 2.96 -3.85 -12.52
CA THR B 467 3.13 -5.28 -12.69
C THR B 467 1.96 -5.90 -13.44
N ARG B 468 0.74 -5.46 -13.13
CA ARG B 468 -0.45 -6.02 -13.75
C ARG B 468 -0.56 -5.61 -15.20
N GLU B 469 -0.26 -4.35 -15.52
CA GLU B 469 -0.32 -3.84 -16.88
C GLU B 469 0.89 -4.21 -17.71
N ARG B 470 1.97 -4.66 -17.09
CA ARG B 470 3.09 -5.16 -17.87
C ARG B 470 2.80 -6.56 -18.39
N ALA B 471 2.06 -7.36 -17.64
CA ALA B 471 1.68 -8.69 -18.07
C ALA B 471 0.55 -8.69 -19.09
N SER B 472 -0.26 -7.63 -19.13
CA SER B 472 -1.29 -7.55 -20.15
C SER B 472 -0.70 -7.24 -21.51
N GLY B 473 0.30 -6.36 -21.55
CA GLY B 473 0.84 -5.87 -22.80
C GLY B 473 0.20 -4.57 -23.21
N MET B 474 -0.06 -3.69 -22.25
CA MET B 474 -0.78 -2.45 -22.52
C MET B 474 0.05 -1.49 -23.36
N TYR B 475 1.25 -1.18 -22.90
CA TYR B 475 2.13 -0.21 -23.50
C TYR B 475 3.56 -0.72 -23.43
N THR B 476 4.42 -0.14 -24.26
CA THR B 476 5.85 -0.42 -24.19
C THR B 476 6.46 0.22 -22.94
N LEU B 477 7.66 -0.22 -22.59
CA LEU B 477 8.29 0.30 -21.39
C LEU B 477 8.99 1.62 -21.63
N SER B 478 9.46 1.86 -22.84
CA SER B 478 10.21 3.08 -23.10
C SER B 478 9.31 4.31 -23.23
N SER B 479 8.00 4.13 -23.37
CA SER B 479 7.09 5.25 -23.32
C SER B 479 6.40 5.39 -21.98
N TYR B 480 6.34 4.33 -21.19
CA TYR B 480 5.97 4.49 -19.79
C TYR B 480 7.07 5.15 -19.02
N PHE B 481 8.33 4.81 -19.33
CA PHE B 481 9.45 5.39 -18.61
C PHE B 481 9.62 6.85 -18.94
N MET B 482 9.50 7.20 -20.21
CA MET B 482 9.73 8.57 -20.65
C MET B 482 8.59 9.50 -20.24
N ALA B 483 7.44 8.97 -19.91
CA ALA B 483 6.33 9.79 -19.42
C ALA B 483 6.50 10.15 -17.96
N HIS B 484 7.32 9.43 -17.22
CA HIS B 484 7.68 9.77 -15.86
C HIS B 484 8.90 10.65 -15.77
N VAL B 485 9.76 10.64 -16.77
CA VAL B 485 10.82 11.63 -16.86
C VAL B 485 10.25 13.00 -17.13
N LEU B 486 9.35 13.11 -18.11
CA LEU B 486 8.82 14.40 -18.48
C LEU B 486 7.76 14.90 -17.52
N GLY B 487 7.22 14.03 -16.68
CA GLY B 487 6.11 14.41 -15.84
C GLY B 487 6.53 14.99 -14.52
N SER B 488 7.74 14.67 -14.09
CA SER B 488 8.29 15.18 -12.84
C SER B 488 9.01 16.51 -13.02
N LEU B 489 9.40 16.85 -14.24
CA LEU B 489 10.37 17.88 -14.55
C LEU B 489 9.82 19.30 -14.37
N SER B 490 8.52 19.48 -14.15
CA SER B 490 8.01 20.83 -13.97
C SER B 490 8.23 21.33 -12.55
N MET B 491 7.74 20.60 -11.56
CA MET B 491 7.87 21.03 -10.18
C MET B 491 9.28 20.90 -9.64
N GLU B 492 10.08 20.02 -10.24
CA GLU B 492 11.46 19.89 -9.79
C GLU B 492 12.35 21.05 -10.21
N LEU B 493 11.89 21.92 -11.09
CA LEU B 493 12.69 23.06 -11.51
C LEU B 493 12.18 24.39 -11.00
N VAL B 494 10.99 24.43 -10.41
CA VAL B 494 10.47 25.67 -9.83
C VAL B 494 11.04 25.87 -8.44
N LEU B 495 11.29 24.79 -7.71
CA LEU B 495 11.86 24.89 -6.38
C LEU B 495 13.32 25.38 -6.33
N PRO B 496 14.26 24.96 -7.21
CA PRO B 496 15.58 25.59 -7.14
C PRO B 496 15.61 27.01 -7.66
N ALA B 497 14.70 27.38 -8.56
CA ALA B 497 14.72 28.71 -9.14
C ALA B 497 14.18 29.75 -8.18
N SER B 498 13.29 29.35 -7.29
CA SER B 498 12.76 30.27 -6.27
C SER B 498 13.57 30.24 -4.99
N PHE B 499 14.34 29.20 -4.73
CA PHE B 499 15.35 29.22 -3.67
C PHE B 499 16.40 30.27 -3.96
N LEU B 500 16.91 30.29 -5.18
CA LEU B 500 18.09 31.07 -5.50
C LEU B 500 17.78 32.53 -5.72
N THR B 501 16.53 32.89 -5.98
CA THR B 501 16.24 34.30 -6.19
C THR B 501 16.32 35.08 -4.89
N PHE B 502 16.01 34.45 -3.76
CA PHE B 502 16.14 35.11 -2.47
C PHE B 502 17.57 35.07 -1.95
N THR B 503 18.23 33.94 -2.05
CA THR B 503 19.56 33.79 -1.46
C THR B 503 20.62 34.57 -2.23
N TYR B 504 20.50 34.69 -3.56
CA TYR B 504 21.58 35.30 -4.35
C TYR B 504 21.67 36.79 -4.12
N TRP B 505 20.55 37.45 -3.83
CA TRP B 505 20.57 38.90 -3.75
C TRP B 505 20.48 39.43 -2.33
N MET B 506 20.04 38.62 -1.37
CA MET B 506 20.16 39.00 0.03
C MET B 506 21.60 38.91 0.50
N VAL B 507 22.28 37.80 0.18
CA VAL B 507 23.71 37.67 0.42
C VAL B 507 24.48 38.62 -0.47
N TYR B 508 23.94 38.90 -1.66
CA TYR B 508 24.49 39.78 -2.69
C TYR B 508 25.85 39.27 -3.16
N LEU B 509 25.80 38.09 -3.77
CA LEU B 509 27.00 37.38 -4.16
C LEU B 509 27.78 38.11 -5.23
N ARG B 510 27.26 38.16 -6.43
CA ARG B 510 28.07 38.81 -7.45
C ARG B 510 27.15 39.51 -8.43
N PRO B 511 27.30 40.82 -8.58
CA PRO B 511 26.31 41.59 -9.34
C PRO B 511 26.47 41.40 -10.83
N GLY B 512 25.35 41.31 -11.51
CA GLY B 512 25.31 41.08 -12.94
C GLY B 512 24.22 40.08 -13.22
N ILE B 513 23.58 40.22 -14.37
CA ILE B 513 22.59 39.23 -14.76
C ILE B 513 23.26 38.02 -15.39
N VAL B 514 24.49 38.18 -15.90
CA VAL B 514 25.20 37.07 -16.53
C VAL B 514 25.72 36.07 -15.47
N PRO B 515 26.40 36.46 -14.38
CA PRO B 515 26.75 35.43 -13.39
C PRO B 515 25.59 34.96 -12.56
N PHE B 516 24.41 35.55 -12.67
CA PHE B 516 23.25 34.99 -12.01
C PHE B 516 22.67 33.84 -12.81
N LEU B 517 22.61 33.98 -14.13
CA LEU B 517 22.00 32.94 -14.94
C LEU B 517 22.89 31.73 -15.11
N LEU B 518 24.21 31.91 -15.08
CA LEU B 518 25.12 30.77 -15.05
C LEU B 518 25.02 30.01 -13.74
N THR B 519 24.79 30.71 -12.63
CA THR B 519 24.60 30.04 -11.36
C THR B 519 23.26 29.31 -11.31
N LEU B 520 22.26 29.82 -12.01
CA LEU B 520 20.96 29.18 -12.01
C LEU B 520 20.97 27.93 -12.87
N SER B 521 21.69 27.93 -13.98
CA SER B 521 21.68 26.77 -14.87
C SER B 521 22.59 25.64 -14.39
N VAL B 522 23.66 25.94 -13.66
CA VAL B 522 24.46 24.90 -13.05
C VAL B 522 23.69 24.22 -11.93
N LEU B 523 22.89 24.96 -11.20
CA LEU B 523 22.10 24.39 -10.12
C LEU B 523 20.91 23.59 -10.64
N LEU B 524 20.44 23.87 -11.86
CA LEU B 524 19.36 23.05 -12.42
C LEU B 524 19.86 21.79 -13.11
N LEU B 525 21.12 21.78 -13.54
CA LEU B 525 21.71 20.58 -14.10
C LEU B 525 22.13 19.59 -13.03
N TYR B 526 22.42 20.09 -11.83
CA TYR B 526 22.78 19.26 -10.70
C TYR B 526 21.56 18.67 -10.02
N VAL B 527 20.41 19.34 -10.10
CA VAL B 527 19.19 18.81 -9.53
C VAL B 527 18.67 17.64 -10.37
N LEU B 528 18.87 17.70 -11.68
CA LEU B 528 18.43 16.60 -12.52
C LEU B 528 19.36 15.40 -12.43
N ALA B 529 20.65 15.63 -12.22
CA ALA B 529 21.60 14.53 -12.05
C ALA B 529 21.46 13.86 -10.68
N SER B 530 21.02 14.60 -9.68
CA SER B 530 20.76 14.05 -8.36
C SER B 530 19.42 13.35 -8.28
N GLN B 531 18.46 13.75 -9.10
CA GLN B 531 17.18 13.05 -9.14
C GLN B 531 17.32 11.65 -9.73
N GLY B 532 18.19 11.49 -10.73
CA GLY B 532 18.36 10.21 -11.39
C GLY B 532 19.07 9.17 -10.55
N LEU B 533 19.75 9.59 -9.49
CA LEU B 533 20.31 8.63 -8.55
C LEU B 533 19.22 8.00 -7.69
N GLY B 534 18.20 8.77 -7.33
CA GLY B 534 17.12 8.20 -6.57
C GLY B 534 16.17 7.36 -7.39
N LEU B 535 16.01 7.66 -8.67
CA LEU B 535 15.20 6.84 -9.55
C LEU B 535 15.82 5.49 -9.82
N ALA B 536 17.13 5.42 -9.91
CA ALA B 536 17.79 4.15 -10.19
C ALA B 536 17.80 3.24 -8.99
N LEU B 537 17.88 3.79 -7.79
CA LEU B 537 17.87 2.96 -6.59
C LEU B 537 16.47 2.60 -6.15
N GLY B 538 15.45 3.27 -6.65
CA GLY B 538 14.09 2.89 -6.34
C GLY B 538 13.54 1.90 -7.33
N ALA B 539 14.14 1.82 -8.51
CA ALA B 539 13.75 0.84 -9.50
C ALA B 539 14.47 -0.48 -9.33
N ALA B 540 15.65 -0.48 -8.72
CA ALA B 540 16.39 -1.70 -8.46
C ALA B 540 15.89 -2.37 -7.19
N ILE B 541 15.68 -1.60 -6.14
CA ILE B 541 15.08 -2.04 -4.89
C ILE B 541 13.64 -1.59 -4.93
N MET B 542 12.67 -2.50 -4.97
CA MET B 542 11.34 -2.10 -5.37
C MET B 542 10.43 -1.78 -4.18
N ASP B 543 11.00 -1.31 -3.06
CA ASP B 543 10.19 -0.67 -2.03
C ASP B 543 10.97 0.49 -1.45
N ALA B 544 10.24 1.46 -0.90
CA ALA B 544 10.82 2.75 -0.59
C ALA B 544 11.44 2.83 0.77
N LYS B 545 11.12 1.93 1.68
CA LYS B 545 11.75 1.95 2.98
C LYS B 545 13.15 1.34 2.93
N LYS B 546 13.31 0.28 2.15
CA LYS B 546 14.62 -0.32 1.97
C LYS B 546 15.53 0.55 1.12
N ALA B 547 14.95 1.29 0.18
CA ALA B 547 15.73 2.05 -0.78
C ALA B 547 16.19 3.37 -0.22
N SER B 548 15.43 3.96 0.69
CA SER B 548 15.81 5.21 1.34
C SER B 548 16.55 4.95 2.63
N THR B 549 17.49 4.08 2.55
CA THR B 549 18.61 3.81 3.43
C THR B 549 19.87 3.70 2.61
N ILE B 550 19.76 3.10 1.42
CA ILE B 550 20.88 2.99 0.50
C ILE B 550 21.22 4.36 -0.05
N VAL B 551 20.22 5.21 -0.26
CA VAL B 551 20.47 6.53 -0.86
C VAL B 551 20.91 7.54 0.19
N THR B 552 20.61 7.33 1.45
CA THR B 552 21.07 8.24 2.49
C THR B 552 22.55 8.04 2.78
N VAL B 553 23.02 6.81 2.80
CA VAL B 553 24.43 6.58 3.04
C VAL B 553 25.26 6.88 1.81
N THR B 554 24.70 6.70 0.62
CA THR B 554 25.41 7.00 -0.62
C THR B 554 25.58 8.50 -0.81
N MET B 555 24.60 9.28 -0.40
CA MET B 555 24.68 10.72 -0.57
C MET B 555 25.58 11.37 0.48
N LEU B 556 25.61 10.84 1.70
CA LEU B 556 26.54 11.32 2.71
C LEU B 556 27.98 10.92 2.42
N ALA B 557 28.20 9.94 1.55
CA ALA B 557 29.53 9.63 1.05
C ALA B 557 29.92 10.49 -0.13
N PHE B 558 28.96 11.06 -0.84
CA PHE B 558 29.26 12.04 -1.87
C PHE B 558 29.56 13.39 -1.27
N VAL B 559 29.01 13.68 -0.09
CA VAL B 559 29.34 14.91 0.62
C VAL B 559 30.75 14.84 1.16
N LEU B 560 31.16 13.68 1.67
CA LEU B 560 32.47 13.51 2.27
C LEU B 560 33.60 13.63 1.25
N THR B 561 33.45 12.98 0.10
CA THR B 561 34.41 13.11 -0.97
C THR B 561 34.09 14.27 -1.92
N GLY B 562 33.20 15.17 -1.52
CA GLY B 562 32.78 16.25 -2.39
C GLY B 562 33.70 17.46 -2.41
N GLY B 563 34.55 17.61 -1.40
CA GLY B 563 35.61 18.57 -1.52
C GLY B 563 35.65 19.68 -0.51
N TYR B 564 35.10 19.47 0.67
CA TYR B 564 35.19 20.51 1.68
C TYR B 564 35.81 20.05 2.98
N TYR B 565 35.64 18.78 3.36
CA TYR B 565 35.92 18.45 4.75
C TYR B 565 37.38 18.15 5.04
N VAL B 566 38.09 17.45 4.17
CA VAL B 566 39.43 17.02 4.49
C VAL B 566 40.41 17.83 3.65
N ASN B 567 41.50 18.27 4.26
CA ASN B 567 42.52 18.98 3.49
C ASN B 567 43.54 18.05 2.85
N LYS B 568 44.15 17.14 3.62
CA LYS B 568 45.06 16.16 3.06
C LYS B 568 44.42 14.78 3.12
N VAL B 569 44.22 14.18 1.96
CA VAL B 569 43.65 12.85 1.84
C VAL B 569 44.79 11.94 1.43
N PRO B 570 44.75 10.64 1.72
CA PRO B 570 45.98 9.84 1.68
C PRO B 570 46.66 9.56 0.36
N SER B 571 46.24 10.16 -0.76
CA SER B 571 46.87 9.99 -2.08
C SER B 571 46.88 8.51 -2.49
N GLY B 572 45.70 8.05 -2.83
CA GLY B 572 45.36 6.65 -2.89
C GLY B 572 43.89 6.59 -2.58
N MET B 573 43.37 7.75 -2.16
CA MET B 573 41.93 7.99 -2.10
C MET B 573 41.54 9.31 -2.75
N VAL B 574 42.41 9.89 -3.57
CA VAL B 574 42.03 11.09 -4.29
C VAL B 574 41.12 10.80 -5.46
N TRP B 575 41.05 9.56 -5.92
CA TRP B 575 40.25 9.28 -7.09
C TRP B 575 38.77 9.16 -6.78
N MET B 576 38.38 9.12 -5.51
CA MET B 576 36.98 8.87 -5.18
C MET B 576 36.12 10.10 -5.39
N LYS B 577 36.73 11.27 -5.48
CA LYS B 577 35.97 12.49 -5.70
C LYS B 577 35.48 12.61 -7.12
N TYR B 578 36.05 11.87 -8.05
CA TYR B 578 35.61 11.90 -9.44
C TYR B 578 34.40 11.02 -9.73
N VAL B 579 33.75 10.48 -8.71
CA VAL B 579 32.55 9.67 -8.86
C VAL B 579 31.40 10.46 -8.25
N SER B 580 31.75 11.34 -7.33
CA SER B 580 30.78 12.15 -6.60
C SER B 580 30.14 13.20 -7.52
N THR B 581 28.82 13.36 -7.39
CA THR B 581 28.10 14.41 -8.11
C THR B 581 28.30 15.77 -7.45
N THR B 582 28.42 15.78 -6.11
CA THR B 582 28.59 17.00 -5.34
C THR B 582 29.90 17.70 -5.66
N PHE B 583 30.91 16.96 -6.09
CA PHE B 583 32.21 17.52 -6.43
C PHE B 583 32.13 18.43 -7.65
N TYR B 584 31.40 18.02 -8.68
CA TYR B 584 31.40 18.75 -9.93
C TYR B 584 30.52 19.98 -9.89
N CYS B 585 29.55 20.04 -9.00
CA CYS B 585 28.75 21.25 -8.82
C CYS B 585 29.53 22.32 -8.05
N TYR B 586 30.12 21.93 -6.93
CA TYR B 586 30.88 22.84 -6.08
C TYR B 586 32.09 23.39 -6.79
N ARG B 587 32.69 22.64 -7.70
CA ARG B 587 33.78 23.19 -8.50
C ARG B 587 33.29 24.20 -9.52
N LEU B 588 32.04 24.10 -9.95
CA LEU B 588 31.51 25.04 -10.93
C LEU B 588 31.00 26.30 -10.29
N LEU B 589 30.51 26.24 -9.07
CA LEU B 589 30.04 27.45 -8.42
C LEU B 589 31.20 28.33 -7.96
N VAL B 590 32.32 27.74 -7.59
CA VAL B 590 33.50 28.50 -7.20
C VAL B 590 34.14 29.15 -8.43
N ALA B 591 34.00 28.54 -9.59
CA ALA B 591 34.58 29.11 -10.81
C ALA B 591 33.78 30.28 -11.34
N ILE B 592 32.49 30.34 -11.07
CA ILE B 592 31.69 31.46 -11.53
C ILE B 592 31.92 32.68 -10.67
N GLN B 593 32.09 32.47 -9.36
CA GLN B 593 32.24 33.58 -8.43
C GLN B 593 33.65 34.14 -8.44
N TYR B 594 34.65 33.29 -8.28
CA TYR B 594 36.02 33.77 -8.17
C TYR B 594 36.84 33.58 -9.42
N GLY B 595 36.44 32.73 -10.33
CA GLY B 595 37.18 32.60 -11.57
C GLY B 595 38.44 31.78 -11.39
N SER B 596 39.43 32.09 -12.22
CA SER B 596 40.74 31.44 -12.15
C SER B 596 41.71 32.23 -11.28
N GLY B 597 41.29 32.57 -10.06
CA GLY B 597 42.08 33.46 -9.23
C GLY B 597 42.15 34.84 -9.85
N GLU B 598 43.33 35.45 -9.80
CA GLU B 598 43.79 36.57 -10.61
C GLU B 598 43.06 37.88 -10.37
N GLU B 599 42.06 37.92 -9.52
CA GLU B 599 41.45 39.17 -9.06
C GLU B 599 41.44 39.26 -7.55
N ILE B 600 41.18 38.14 -6.86
CA ILE B 600 41.35 38.10 -5.42
C ILE B 600 42.82 38.11 -5.05
N LEU B 601 43.70 37.63 -5.91
CA LEU B 601 45.12 37.63 -5.58
C LEU B 601 45.69 39.03 -5.67
N ARG B 602 45.10 39.89 -6.48
CA ARG B 602 45.50 41.29 -6.49
C ARG B 602 44.76 42.11 -5.44
N MET B 603 43.66 41.60 -4.91
CA MET B 603 42.88 42.31 -3.90
C MET B 603 43.25 41.90 -2.48
N LEU B 604 43.66 40.65 -2.28
CA LEU B 604 44.21 40.20 -1.01
C LEU B 604 45.71 40.38 -0.93
N GLY B 605 46.32 41.08 -1.89
CA GLY B 605 47.72 41.43 -1.83
C GLY B 605 48.69 40.42 -2.39
N CYS B 606 48.88 39.33 -1.66
CA CYS B 606 49.94 38.32 -1.89
C CYS B 606 51.34 38.94 -1.99
N ALA B 620 46.97 32.01 4.93
CA ALA B 620 45.59 32.31 5.32
C ALA B 620 44.97 33.31 4.36
N GLY B 621 45.82 34.04 3.65
CA GLY B 621 45.33 35.00 2.67
C GLY B 621 45.79 34.64 1.27
N CYS B 622 46.99 34.09 1.18
CA CYS B 622 47.50 33.64 -0.10
C CYS B 622 47.93 32.19 -0.07
N ARG B 623 47.81 31.52 1.06
CA ARG B 623 48.04 30.08 1.13
C ARG B 623 46.77 29.28 0.94
N PHE B 624 45.66 29.68 1.59
CA PHE B 624 44.40 28.95 1.47
C PHE B 624 43.80 29.06 0.08
N VAL B 625 44.08 30.14 -0.65
CA VAL B 625 43.40 30.40 -1.91
C VAL B 625 44.15 29.74 -3.06
N GLU B 626 45.06 28.82 -2.74
CA GLU B 626 45.79 28.08 -3.75
C GLU B 626 45.51 26.60 -3.74
N GLU B 627 44.90 26.06 -2.69
CA GLU B 627 44.40 24.69 -2.75
C GLU B 627 42.95 24.61 -3.16
N GLU B 628 42.14 25.60 -2.79
CA GLU B 628 40.71 25.47 -2.89
C GLU B 628 40.04 26.41 -3.87
N VAL B 629 40.65 27.55 -4.18
CA VAL B 629 40.05 28.46 -5.15
C VAL B 629 40.54 28.15 -6.56
N ILE B 630 41.81 27.77 -6.69
CA ILE B 630 42.42 27.58 -8.01
C ILE B 630 41.82 26.39 -8.72
N GLY B 631 41.78 25.24 -8.06
CA GLY B 631 41.10 24.09 -8.61
C GLY B 631 41.91 23.37 -9.68
N ASP B 632 41.39 22.21 -10.08
CA ASP B 632 42.12 21.29 -10.92
C ASP B 632 41.31 20.68 -12.05
N VAL B 633 39.99 20.65 -11.97
CA VAL B 633 39.14 20.08 -13.00
C VAL B 633 38.63 21.24 -13.85
N GLY B 634 38.67 21.06 -15.17
CA GLY B 634 38.31 22.14 -16.08
C GLY B 634 36.85 22.51 -16.01
N MET B 635 36.51 23.64 -16.62
CA MET B 635 35.14 24.11 -16.49
C MET B 635 34.20 23.41 -17.44
N TRP B 636 34.70 22.90 -18.57
CA TRP B 636 33.87 22.14 -19.50
C TRP B 636 33.80 20.67 -19.18
N THR B 637 34.80 20.10 -18.51
CA THR B 637 34.71 18.71 -18.12
C THR B 637 33.90 18.50 -16.87
N SER B 638 33.62 19.55 -16.11
CA SER B 638 32.66 19.44 -15.03
C SER B 638 31.23 19.51 -15.53
N VAL B 639 31.01 20.12 -16.70
CA VAL B 639 29.70 20.15 -17.33
C VAL B 639 29.45 18.86 -18.10
N GLY B 640 30.46 18.37 -18.81
CA GLY B 640 30.33 17.15 -19.56
C GLY B 640 30.27 15.88 -18.76
N VAL B 641 30.50 15.94 -17.45
CA VAL B 641 30.32 14.78 -16.61
C VAL B 641 28.98 14.82 -15.89
N LEU B 642 28.44 15.99 -15.61
CA LEU B 642 27.08 16.06 -15.11
C LEU B 642 26.04 15.73 -16.17
N PHE B 643 26.37 15.84 -17.46
CA PHE B 643 25.52 15.28 -18.51
C PHE B 643 25.68 13.78 -18.66
N LEU B 644 26.84 13.24 -18.34
CA LEU B 644 27.03 11.80 -18.40
C LEU B 644 26.36 11.11 -17.24
N MET B 645 26.22 11.78 -16.10
CA MET B 645 25.46 11.26 -14.99
C MET B 645 23.98 11.57 -15.12
N PHE B 646 23.61 12.51 -15.97
CA PHE B 646 22.20 12.72 -16.26
C PHE B 646 21.66 11.56 -17.07
N PHE B 647 22.29 11.23 -18.19
CA PHE B 647 21.78 10.16 -19.03
C PHE B 647 22.07 8.79 -18.44
N GLY B 648 23.22 8.63 -17.79
CA GLY B 648 23.63 7.33 -17.32
C GLY B 648 22.83 6.80 -16.16
N TYR B 649 22.31 7.68 -15.32
CA TYR B 649 21.45 7.27 -14.22
C TYR B 649 20.01 7.00 -14.63
N ARG B 650 19.57 7.47 -15.78
CA ARG B 650 18.27 7.06 -16.29
C ARG B 650 18.34 5.85 -17.20
N VAL B 651 19.52 5.49 -17.72
CA VAL B 651 19.65 4.23 -18.43
C VAL B 651 19.62 3.07 -17.45
N LEU B 652 20.32 3.21 -16.33
CA LEU B 652 20.33 2.17 -15.31
C LEU B 652 19.02 2.04 -14.57
N ALA B 653 18.13 3.02 -14.65
CA ALA B 653 16.80 2.86 -14.10
C ALA B 653 15.86 2.15 -15.05
N TYR B 654 16.12 2.25 -16.35
CA TYR B 654 15.35 1.52 -17.34
C TYR B 654 15.70 0.05 -17.33
N LEU B 655 16.98 -0.28 -17.18
CA LEU B 655 17.41 -1.66 -17.15
C LEU B 655 16.99 -2.38 -15.88
N ALA B 656 16.69 -1.65 -14.82
CA ALA B 656 16.22 -2.27 -13.59
C ALA B 656 14.73 -2.54 -13.63
N LEU B 657 13.97 -1.82 -14.44
CA LEU B 657 12.56 -2.09 -14.64
C LEU B 657 12.30 -3.12 -15.72
N ARG B 658 13.30 -3.40 -16.54
CA ARG B 658 13.20 -4.40 -17.59
C ARG B 658 13.19 -5.81 -17.01
N ARG B 659 13.62 -5.97 -15.76
CA ARG B 659 13.65 -7.28 -15.10
C ARG B 659 12.25 -7.82 -14.86
N ILE B 660 11.34 -6.95 -14.46
CA ILE B 660 10.02 -7.34 -13.96
C ILE B 660 9.17 -7.80 -15.13
N LYS B 661 8.90 -9.10 -15.20
CA LYS B 661 8.07 -9.69 -16.23
C LYS B 661 7.45 -10.96 -15.67
N HIS B 662 6.39 -11.44 -16.34
CA HIS B 662 5.69 -12.66 -15.88
C HIS B 662 5.37 -13.64 -16.98
PG ATP C . -22.66 -3.56 -3.80
O1G ATP C . -21.57 -3.70 -2.77
O2G ATP C . -23.78 -4.52 -3.63
O3G ATP C . -22.15 -3.51 -5.20
PB ATP C . -23.96 -1.53 -2.28
O1B ATP C . -23.11 -1.94 -1.15
O2B ATP C . -25.38 -1.97 -2.32
O3B ATP C . -23.31 -2.11 -3.62
PA ATP C . -23.02 1.13 -1.66
O1A ATP C . -23.62 1.70 -0.44
O2A ATP C . -21.62 0.62 -1.64
O3A ATP C . -23.99 0.07 -2.39
O5' ATP C . -23.06 2.38 -2.65
C5' ATP C . -24.29 2.84 -3.16
C4' ATP C . -24.04 3.89 -4.22
O4' ATP C . -23.45 5.03 -3.62
C3' ATP C . -23.04 3.40 -5.23
O3' ATP C . -23.58 3.61 -6.53
C2' ATP C . -21.83 4.28 -5.09
O2' ATP C . -21.34 4.59 -6.39
C1' ATP C . -22.38 5.49 -4.42
N9 ATP C . -21.40 6.11 -3.52
C8 ATP C . -21.01 5.62 -2.33
N7 ATP C . -20.11 6.44 -1.76
C5 ATP C . -19.91 7.46 -2.59
C6 ATP C . -19.08 8.68 -2.61
N6 ATP C . -18.28 8.95 -1.57
N1 ATP C . -19.17 9.49 -3.67
C2 ATP C . -19.99 9.23 -4.69
N3 ATP C . -20.76 8.14 -4.75
C4 ATP C . -20.76 7.24 -3.75
MG MG D . -19.81 -1.95 -1.17
MG MG E . -8.20 -17.47 -4.32
PG ATP F . -11.21 -20.14 -3.14
O1G ATP F . -10.74 -18.85 -3.74
O2G ATP F . -12.37 -20.75 -3.85
O3G ATP F . -11.39 -20.09 -1.66
PB ATP F . -9.31 -21.62 -4.67
O1B ATP F . -9.14 -20.41 -5.48
O2B ATP F . -10.13 -22.73 -5.20
O3B ATP F . -10.01 -21.20 -3.30
PA ATP F . -6.43 -21.57 -4.49
O1A ATP F . -5.75 -21.99 -5.74
O2A ATP F . -6.49 -20.14 -4.11
O3A ATP F . -7.87 -22.25 -4.33
O5' ATP F . -5.55 -22.32 -3.40
C5' ATP F . -5.62 -23.74 -3.28
C4' ATP F . -4.87 -24.17 -2.04
O4' ATP F . -3.49 -23.90 -2.21
C3' ATP F . -5.30 -23.38 -0.84
O3' ATP F . -5.61 -24.29 0.20
C2' ATP F . -4.11 -22.57 -0.40
O2' ATP F . -4.02 -22.61 1.01
C1' ATP F . -2.97 -23.32 -1.04
N9 ATP F . -1.88 -22.42 -1.43
C8 ATP F . -1.89 -21.58 -2.47
N7 ATP F . -0.73 -20.91 -2.55
C5 ATP F . 0.04 -21.33 -1.55
C6 ATP F . 1.40 -21.04 -1.06
N6 ATP F . 2.16 -20.12 -1.68
N1 ATP F . 1.84 -21.70 0.03
C2 ATP F . 1.09 -22.60 0.65
N3 ATP F . -0.15 -22.93 0.26
C4 ATP F . -0.71 -22.33 -0.81
#